data_7VLT
#
_entry.id   7VLT
#
_cell.length_a   1.00
_cell.length_b   1.00
_cell.length_c   1.00
_cell.angle_alpha   90.00
_cell.angle_beta   90.00
_cell.angle_gamma   90.00
#
_symmetry.space_group_name_H-M   'P 1'
#
loop_
_entity.id
_entity.type
_entity.pdbx_description
1 polymer 'Isoform SUR2B of ATP-binding cassette sub-family C member 9'
2 non-polymer (3S,4R)-2,2-dimethyl-3-oxidanyl-4-(2-oxidanylidenepyrrolidin-1-yl)-3,4-dihydrochromene-6-carbonitrile
3 non-polymer 'CHOLESTEROL HEMISUCCINATE'
4 non-polymer "ADENOSINE-5'-DIPHOSPHATE"
5 non-polymer 'MAGNESIUM ION'
6 non-polymer "ADENOSINE-5'-TRIPHOSPHATE"
#
_entity_poly.entity_id   1
_entity_poly.type   'polypeptide(L)'
_entity_poly.pdbx_seq_one_letter_code
;MSLSFCGNNISSYNIYHGVLQNPCFVDALNLVPHVFLLFITFPILFIGWGSQSSKVQIHHNTWLHFPGHNLRWILTFALL
FVHVCEIAEGIVSDSQRASRHLHLFMPAVMGFVATTTSIVYYHNIETSNFPKLLLALFLYWVMAFITKTIKLVKYWQLGW
GMSDLRFCITGVMVILNGLLMAVEINVIRVRRYVFFMNPQKVKPPEDLQDLGVRFLQPFVNLLSKATYWWMNTLIISAHR
KPIDLKAIGKLPIAMRAVTNYVCLKEAYEEQKKKAADHPNRTPSIWLAMYRAFGRPILLSSTFRYLADLLGFAGPLCISG
IVQRVNEPKNNTTRFSETLSSKEFLENAHVLAVLLFLALILQRTFLQASYYVTIETGINLRGALLAMIYNKILRLSTSNL
SMGEMTLGQINNLVAIETNQLMWFLFLCPNLWAMPVQIIMGVILLYNLLGSSALVGAAVIVLLAPIQYFIATKLAEAQKS
TLDYSTERLKKTNEILKGIKLLKLYAWEHIFCKSVEETRMKELSSLKTFALYTSLSIFMNAAIPIAAVLATFVTHAYASG
NNLKPAEAFASLSLFHILVTPLFLLSTVVRFAVKAIISVQKLNEFLLSDEIGEDSWRTGEGTLPFESCKKHTGVQSKPIN
RKQPGRYHLDNYEQARRLRPAETEDVAIKVTNGYFSWGSGLATLSNIDIRIPTGQLTMIVGQVGCGKSSLLLAILGEMQT
LEGKVYWNNVNESEPSFEATRSRSRYSVAYAAQKPWLLNATVEENITFGSSFNRQRYKAVTDACSLQPDIDLLPFGDQTE
IGERGINLSGGQRQRICVARALYQNTNIVFLDDPFSALDIHLSDHLMQEGILKFLQDDKRTVVLVTHKLQYLTHADWIIA
MKDGSVLREGTLKDIQTKDVELYEHWKTLMNRQDQELEKDMEADQTTLERKTLRRAMYSREAKAQMEDEDEEEEEEEDED
DNMSTVMRLRTKMPWKTCWWYLTSGGFFLLFLMIFSKLLKHSVIVAIDYWLATWTSEYSINDPGKADQTFYVAGFSILCG
AGIFLCLVTSLTVEWMGLTAAKNLHHNLLNKIILGPIRFFDTTPLGLILNRFSADTNIIDQHIPPTLESLTRSTLLCLSA
IGMISYATPVFLIALAPLGVAFYFIQKYFRVASKDLQELDDSTQLPLLCHFSETAEGLTTIRAFRHETRFKQRMLELTDT
NNIAYLFLSAANRWLEVRTDYLGACIVLTASIASISGSSNSGLVGLGLLYALTITNYLNWVVRNLADLEVQMGAVKKVNS
FLTMESENYEGTMDPSQVPEHWPQEGEIKIHDLCVRYENNLKPVLKHVKAYIKPGQKVGICGRTGSGKSSLSLAFFRMVD
IFDGKIVIDGIDISKLPLHTLRSRLSIILQDPILFSGSIRFNLDPECKCTDDRLWEALEIAQLKNMVKSLPGGLDATVTE
GGENFSVGQRQLFCLARAFVRKSSILIMDEATASIDMATENILQKVVMTAFADRTVVTIAHRVHTILTADLVIVMKRGNI
LEYDTPESLLAQEDGVFASFVRADM
;
_entity_poly.pdbx_strand_id   A
#
# COMPACT_ATOMS: atom_id res chain seq x y z
N LYS A 250 6.10 14.52 -26.41
CA LYS A 250 5.78 13.73 -25.23
C LYS A 250 5.65 14.62 -23.98
N LEU A 251 6.75 14.77 -23.25
CA LEU A 251 6.81 15.59 -22.07
C LEU A 251 7.95 16.60 -22.24
N PRO A 252 7.71 17.90 -22.08
CA PRO A 252 8.79 18.87 -22.32
C PRO A 252 9.99 18.60 -21.43
N ILE A 253 11.17 19.02 -21.89
CA ILE A 253 12.40 18.69 -21.21
C ILE A 253 12.35 19.15 -19.75
N ALA A 254 11.81 20.34 -19.52
CA ALA A 254 11.70 20.84 -18.15
C ALA A 254 10.86 19.91 -17.29
N MET A 255 9.84 19.30 -17.87
CA MET A 255 8.94 18.43 -17.12
C MET A 255 9.40 16.98 -17.05
N ARG A 256 10.49 16.63 -17.74
CA ARG A 256 11.05 15.30 -17.59
C ARG A 256 11.48 15.07 -16.14
N ALA A 257 11.33 13.82 -15.68
CA ALA A 257 11.75 13.50 -14.33
C ALA A 257 13.26 13.56 -14.18
N VAL A 258 14.02 13.45 -15.28
CA VAL A 258 15.47 13.41 -15.19
C VAL A 258 16.00 14.76 -14.71
N THR A 259 15.59 15.85 -15.37
CA THR A 259 16.12 17.16 -15.03
C THR A 259 15.63 17.61 -13.65
N ASN A 260 14.34 17.40 -13.36
CA ASN A 260 13.82 17.76 -12.05
C ASN A 260 14.53 16.97 -10.95
N TYR A 261 14.76 15.68 -11.19
CA TYR A 261 15.48 14.87 -10.21
C TYR A 261 16.91 15.38 -10.01
N VAL A 262 17.60 15.74 -11.09
CA VAL A 262 18.97 16.23 -10.95
C VAL A 262 18.98 17.53 -10.13
N CYS A 263 18.04 18.42 -10.41
CA CYS A 263 17.97 19.67 -9.65
C CYS A 263 17.71 19.41 -8.17
N LEU A 264 16.70 18.59 -7.86
CA LEU A 264 16.38 18.31 -6.47
C LEU A 264 17.52 17.58 -5.77
N LYS A 265 18.21 16.68 -6.49
CA LYS A 265 19.34 15.96 -5.91
C LYS A 265 20.49 16.90 -5.60
N GLU A 266 20.78 17.86 -6.48
CA GLU A 266 21.84 18.82 -6.18
C GLU A 266 21.47 19.67 -4.97
N ALA A 267 20.20 20.10 -4.89
CA ALA A 267 19.76 20.84 -3.71
C ALA A 267 19.91 20.01 -2.44
N TYR A 268 19.52 18.73 -2.50
CA TYR A 268 19.61 17.88 -1.32
C TYR A 268 21.05 17.58 -0.95
N GLU A 269 21.95 17.51 -1.94
CA GLU A 269 23.36 17.30 -1.63
C GLU A 269 23.95 18.54 -0.97
N GLU A 270 23.53 19.73 -1.41
CA GLU A 270 23.95 20.95 -0.71
C GLU A 270 23.42 20.95 0.71
N GLN A 271 22.19 20.47 0.91
CA GLN A 271 21.66 20.36 2.27
C GLN A 271 22.46 19.36 3.10
N LYS A 272 22.89 18.26 2.48
CA LYS A 272 23.73 17.30 3.21
C LYS A 272 25.07 17.90 3.58
N LYS A 273 25.62 18.75 2.72
CA LYS A 273 26.83 19.50 3.07
C LYS A 273 26.57 20.40 4.28
N LYS A 274 25.48 21.16 4.23
CA LYS A 274 25.14 22.05 5.35
C LYS A 274 24.95 21.25 6.64
N ALA A 275 24.40 20.05 6.53
CA ALA A 275 24.23 19.18 7.69
C ALA A 275 25.58 18.68 8.19
N ALA A 276 26.46 18.28 7.28
CA ALA A 276 27.81 17.89 7.66
C ALA A 276 28.52 19.02 8.40
N ASP A 277 28.15 20.27 8.09
CA ASP A 277 28.71 21.40 8.84
C ASP A 277 28.39 21.30 10.33
N HIS A 278 27.24 20.72 10.69
CA HIS A 278 26.80 20.63 12.07
C HIS A 278 26.73 19.18 12.53
N PRO A 279 27.00 18.91 13.81
CA PRO A 279 26.59 17.62 14.39
C PRO A 279 25.17 17.69 14.93
N ASN A 280 24.35 16.68 14.63
CA ASN A 280 22.96 16.63 15.08
C ASN A 280 22.11 17.70 14.40
N ARG A 281 22.34 17.90 13.10
CA ARG A 281 21.53 18.80 12.28
C ARG A 281 21.28 18.08 10.95
N THR A 282 20.11 17.46 10.82
CA THR A 282 19.85 16.61 9.68
C THR A 282 19.58 17.44 8.42
N PRO A 283 19.87 16.88 7.24
CA PRO A 283 19.43 17.53 6.00
C PRO A 283 17.92 17.65 5.97
N SER A 284 17.43 18.76 5.40
CA SER A 284 16.01 19.07 5.37
C SER A 284 15.51 19.02 3.93
N ILE A 285 14.42 18.27 3.71
CA ILE A 285 13.83 18.24 2.38
C ILE A 285 13.20 19.58 2.04
N TRP A 286 12.67 20.30 3.04
CA TRP A 286 11.93 21.52 2.74
C TRP A 286 12.83 22.57 2.11
N LEU A 287 14.02 22.77 2.66
CA LEU A 287 14.94 23.76 2.08
C LEU A 287 15.43 23.33 0.71
N ALA A 288 15.69 22.02 0.52
CA ALA A 288 16.08 21.52 -0.79
C ALA A 288 14.99 21.79 -1.82
N MET A 289 13.75 21.46 -1.48
CA MET A 289 12.65 21.71 -2.40
C MET A 289 12.49 23.19 -2.67
N TYR A 290 12.63 24.03 -1.65
CA TYR A 290 12.54 25.47 -1.89
C TYR A 290 13.60 25.91 -2.88
N ARG A 291 14.87 25.61 -2.59
CA ARG A 291 15.95 26.05 -3.47
C ARG A 291 15.74 25.56 -4.90
N ALA A 292 15.20 24.34 -5.06
CA ALA A 292 15.08 23.78 -6.40
C ALA A 292 13.86 24.34 -7.15
N PHE A 293 12.70 24.35 -6.50
CA PHE A 293 11.43 24.64 -7.18
C PHE A 293 10.77 25.91 -6.66
N GLY A 294 11.55 26.87 -6.18
CA GLY A 294 10.96 28.07 -5.61
C GLY A 294 10.48 29.10 -6.60
N ARG A 295 11.28 29.40 -7.62
CA ARG A 295 10.93 30.45 -8.57
C ARG A 295 9.54 30.27 -9.17
N PRO A 296 9.15 29.08 -9.62
CA PRO A 296 7.74 28.91 -10.05
C PRO A 296 6.74 29.27 -8.97
N ILE A 297 7.05 28.94 -7.72
CA ILE A 297 6.12 29.25 -6.64
C ILE A 297 6.05 30.75 -6.40
N LEU A 298 7.18 31.45 -6.55
CA LEU A 298 7.15 32.90 -6.48
C LEU A 298 6.26 33.47 -7.58
N LEU A 299 6.36 32.92 -8.79
CA LEU A 299 5.52 33.39 -9.89
C LEU A 299 4.04 33.20 -9.57
N SER A 300 3.68 32.01 -9.07
CA SER A 300 2.28 31.76 -8.75
C SER A 300 1.80 32.66 -7.63
N SER A 301 2.65 32.93 -6.64
CA SER A 301 2.27 33.84 -5.58
C SER A 301 2.03 35.25 -6.12
N THR A 302 2.87 35.69 -7.06
CA THR A 302 2.63 36.98 -7.69
C THR A 302 1.26 37.03 -8.34
N PHE A 303 0.93 36.00 -9.12
CA PHE A 303 -0.38 35.97 -9.76
C PHE A 303 -1.50 35.99 -8.72
N ARG A 304 -1.33 35.27 -7.61
CA ARG A 304 -2.36 35.27 -6.58
C ARG A 304 -2.56 36.65 -5.98
N TYR A 305 -1.46 37.36 -5.71
CA TYR A 305 -1.58 38.70 -5.12
C TYR A 305 -2.30 39.65 -6.08
N LEU A 306 -1.95 39.59 -7.36
CA LEU A 306 -2.66 40.41 -8.34
C LEU A 306 -4.15 40.06 -8.36
N ALA A 307 -4.46 38.76 -8.26
CA ALA A 307 -5.86 38.34 -8.26
C ALA A 307 -6.62 38.92 -7.07
N ASP A 308 -6.00 38.91 -5.88
CA ASP A 308 -6.66 39.50 -4.71
C ASP A 308 -6.87 41.00 -4.89
N LEU A 309 -5.86 41.70 -5.39
CA LEU A 309 -6.02 43.14 -5.60
C LEU A 309 -7.17 43.43 -6.55
N LEU A 310 -7.30 42.64 -7.62
CA LEU A 310 -8.43 42.84 -8.52
C LEU A 310 -9.74 42.42 -7.88
N GLY A 311 -9.69 41.46 -6.96
CA GLY A 311 -10.90 41.07 -6.25
C GLY A 311 -11.46 42.19 -5.41
N PHE A 312 -10.59 43.09 -4.92
CA PHE A 312 -11.13 44.23 -4.18
C PHE A 312 -11.87 45.24 -5.06
N ALA A 313 -12.03 44.98 -6.35
CA ALA A 313 -12.87 45.84 -7.18
C ALA A 313 -14.35 45.69 -6.86
N GLY A 314 -14.76 44.55 -6.30
CA GLY A 314 -16.14 44.30 -5.98
C GLY A 314 -16.70 45.31 -5.00
N PRO A 315 -16.05 45.48 -3.85
CA PRO A 315 -16.49 46.51 -2.90
C PRO A 315 -16.66 47.89 -3.50
N LEU A 316 -15.67 48.38 -4.24
CA LEU A 316 -15.76 49.73 -4.81
C LEU A 316 -16.94 49.84 -5.76
N CYS A 317 -17.09 48.87 -6.67
CA CYS A 317 -18.15 48.93 -7.67
C CYS A 317 -19.53 48.81 -7.02
N ILE A 318 -19.67 47.93 -6.03
CA ILE A 318 -20.95 47.82 -5.34
C ILE A 318 -21.28 49.14 -4.63
N SER A 319 -20.29 49.74 -3.98
CA SER A 319 -20.54 51.03 -3.34
C SER A 319 -21.02 52.07 -4.35
N GLY A 320 -20.34 52.16 -5.49
CA GLY A 320 -20.75 53.12 -6.49
C GLY A 320 -22.14 52.87 -7.03
N ILE A 321 -22.44 51.61 -7.38
CA ILE A 321 -23.73 51.27 -7.95
C ILE A 321 -24.84 51.56 -6.95
N VAL A 322 -24.65 51.17 -5.69
CA VAL A 322 -25.68 51.38 -4.68
C VAL A 322 -25.89 52.88 -4.46
N GLN A 323 -24.80 53.64 -4.35
CA GLN A 323 -24.95 55.08 -4.14
C GLN A 323 -25.71 55.73 -5.28
N ARG A 324 -25.43 55.31 -6.52
CA ARG A 324 -26.07 55.97 -7.67
C ARG A 324 -27.53 55.55 -7.80
N VAL A 325 -27.85 54.28 -7.57
CA VAL A 325 -29.26 53.87 -7.59
C VAL A 325 -30.03 54.56 -6.48
N ASN A 326 -29.37 54.79 -5.33
CA ASN A 326 -30.04 55.43 -4.21
C ASN A 326 -30.45 56.86 -4.54
N GLU A 327 -29.59 57.60 -5.24
CA GLU A 327 -29.88 58.99 -5.60
C GLU A 327 -29.60 59.25 -7.08
N SER A 341 -19.00 64.49 -22.54
CA SER A 341 -18.93 64.53 -21.09
C SER A 341 -17.68 63.82 -20.57
N LYS A 342 -17.74 62.49 -20.49
CA LYS A 342 -16.67 61.60 -20.06
C LYS A 342 -16.52 61.59 -18.54
N GLU A 343 -17.28 62.39 -17.80
CA GLU A 343 -17.27 62.39 -16.34
C GLU A 343 -18.38 61.52 -15.76
N PHE A 344 -18.80 60.48 -16.50
CA PHE A 344 -19.93 59.64 -16.13
C PHE A 344 -19.51 58.34 -15.47
N LEU A 345 -18.25 58.21 -15.05
CA LEU A 345 -17.79 56.96 -14.47
C LEU A 345 -18.59 56.58 -13.24
N GLU A 346 -19.40 57.48 -12.69
CA GLU A 346 -20.34 57.11 -11.64
C GLU A 346 -21.50 56.28 -12.19
N ASN A 347 -21.77 56.36 -13.50
CA ASN A 347 -22.91 55.65 -14.09
C ASN A 347 -22.92 54.19 -13.64
N ALA A 348 -24.11 53.72 -13.24
CA ALA A 348 -24.24 52.40 -12.66
C ALA A 348 -23.81 51.31 -13.65
N HIS A 349 -24.28 51.42 -14.89
CA HIS A 349 -23.98 50.38 -15.88
C HIS A 349 -22.49 50.32 -16.19
N VAL A 350 -21.84 51.50 -16.26
CA VAL A 350 -20.40 51.53 -16.50
C VAL A 350 -19.67 50.81 -15.38
N LEU A 351 -20.05 51.07 -14.13
CA LEU A 351 -19.40 50.40 -13.00
C LEU A 351 -19.67 48.90 -13.04
N ALA A 352 -20.87 48.49 -13.44
CA ALA A 352 -21.16 47.06 -13.55
C ALA A 352 -20.26 46.40 -14.58
N VAL A 353 -20.07 47.05 -15.74
CA VAL A 353 -19.21 46.48 -16.77
C VAL A 353 -17.77 46.41 -16.29
N LEU A 354 -17.32 47.46 -15.58
CA LEU A 354 -15.96 47.43 -15.05
C LEU A 354 -15.80 46.32 -14.01
N LEU A 355 -16.82 46.09 -13.19
CA LEU A 355 -16.79 44.98 -12.26
C LEU A 355 -16.66 43.66 -12.99
N PHE A 356 -17.42 43.49 -14.08
CA PHE A 356 -17.34 42.26 -14.86
C PHE A 356 -15.93 42.05 -15.43
N LEU A 357 -15.34 43.11 -15.99
CA LEU A 357 -13.99 42.98 -16.55
C LEU A 357 -12.97 42.68 -15.45
N ALA A 358 -13.05 43.37 -14.32
CA ALA A 358 -12.19 43.06 -13.20
C ALA A 358 -12.32 41.60 -12.79
N LEU A 359 -13.55 41.07 -12.82
CA LEU A 359 -13.75 39.69 -12.42
C LEU A 359 -13.08 38.73 -13.40
N ILE A 360 -13.27 38.94 -14.71
CA ILE A 360 -12.65 38.01 -15.65
C ILE A 360 -11.13 38.06 -15.52
N LEU A 361 -10.58 39.26 -15.31
CA LEU A 361 -9.13 39.38 -15.17
C LEU A 361 -8.63 38.69 -13.90
N GLN A 362 -9.38 38.84 -12.79
CA GLN A 362 -9.03 38.13 -11.56
C GLN A 362 -9.05 36.63 -11.77
N ARG A 363 -10.07 36.11 -12.46
CA ARG A 363 -10.14 34.68 -12.68
C ARG A 363 -8.98 34.20 -13.55
N THR A 364 -8.59 34.99 -14.55
CA THR A 364 -7.45 34.64 -15.38
C THR A 364 -6.18 34.55 -14.53
N PHE A 365 -5.95 35.54 -13.67
CA PHE A 365 -4.75 35.50 -12.82
C PHE A 365 -4.79 34.30 -11.87
N LEU A 366 -5.96 34.03 -11.28
CA LEU A 366 -6.08 32.92 -10.36
C LEU A 366 -5.76 31.59 -11.05
N GLN A 367 -6.30 31.41 -12.26
CA GLN A 367 -6.04 30.17 -13.00
C GLN A 367 -4.58 30.08 -13.43
N ALA A 368 -3.94 31.20 -13.75
CA ALA A 368 -2.51 31.18 -14.06
C ALA A 368 -1.72 30.70 -12.84
N SER A 369 -2.05 31.21 -11.66
CA SER A 369 -1.37 30.77 -10.45
C SER A 369 -1.58 29.28 -10.21
N TYR A 370 -2.82 28.82 -10.36
CA TYR A 370 -3.09 27.40 -10.16
C TYR A 370 -2.30 26.54 -11.14
N TYR A 371 -2.24 26.98 -12.41
CA TYR A 371 -1.51 26.22 -13.42
C TYR A 371 -0.04 26.11 -13.05
N VAL A 372 0.58 27.23 -12.68
CA VAL A 372 2.00 27.19 -12.32
C VAL A 372 2.22 26.27 -11.12
N THR A 373 1.35 26.36 -10.11
CA THR A 373 1.54 25.54 -8.93
C THR A 373 1.40 24.05 -9.24
N ILE A 374 0.42 23.67 -10.07
CA ILE A 374 0.26 22.25 -10.36
C ILE A 374 1.41 21.75 -11.22
N GLU A 375 1.90 22.57 -12.14
CA GLU A 375 3.09 22.19 -12.88
C GLU A 375 4.26 21.92 -11.94
N THR A 376 4.49 22.83 -10.99
CA THR A 376 5.58 22.63 -10.04
C THR A 376 5.35 21.39 -9.17
N GLY A 377 4.11 21.17 -8.74
CA GLY A 377 3.82 20.00 -7.92
C GLY A 377 4.10 18.70 -8.66
N ILE A 378 3.75 18.64 -9.94
CA ILE A 378 3.99 17.42 -10.70
C ILE A 378 5.49 17.23 -10.94
N ASN A 379 6.19 18.31 -11.29
CA ASN A 379 7.64 18.22 -11.42
C ASN A 379 8.28 17.70 -10.14
N LEU A 380 7.83 18.20 -9.00
CA LEU A 380 8.42 17.81 -7.73
C LEU A 380 8.04 16.38 -7.36
N ARG A 381 6.82 15.94 -7.71
CA ARG A 381 6.47 14.54 -7.49
C ARG A 381 7.39 13.63 -8.29
N GLY A 382 7.64 13.97 -9.56
CA GLY A 382 8.57 13.18 -10.35
C GLY A 382 9.96 13.14 -9.76
N ALA A 383 10.48 14.31 -9.35
CA ALA A 383 11.82 14.35 -8.77
C ALA A 383 11.90 13.58 -7.46
N LEU A 384 10.87 13.66 -6.63
CA LEU A 384 10.89 12.95 -5.36
C LEU A 384 10.82 11.44 -5.59
N LEU A 385 9.97 11.00 -6.51
CA LEU A 385 9.91 9.57 -6.79
C LEU A 385 11.24 9.06 -7.33
N ALA A 386 11.91 9.85 -8.17
CA ALA A 386 13.25 9.48 -8.61
C ALA A 386 14.22 9.39 -7.44
N MET A 387 14.16 10.36 -6.52
CA MET A 387 15.07 10.34 -5.37
C MET A 387 14.86 9.10 -4.52
N ILE A 388 13.61 8.80 -4.17
CA ILE A 388 13.38 7.65 -3.29
C ILE A 388 13.61 6.35 -4.04
N TYR A 389 13.46 6.34 -5.36
CA TYR A 389 13.80 5.14 -6.12
C TYR A 389 15.30 4.88 -6.09
N ASN A 390 16.11 5.91 -6.31
CA ASN A 390 17.54 5.71 -6.18
C ASN A 390 17.91 5.31 -4.76
N LYS A 391 17.21 5.84 -3.76
CA LYS A 391 17.48 5.41 -2.40
C LYS A 391 17.15 3.93 -2.21
N ILE A 392 16.02 3.48 -2.77
CA ILE A 392 15.70 2.05 -2.73
C ILE A 392 16.85 1.26 -3.33
N LEU A 393 17.33 1.68 -4.49
CA LEU A 393 18.47 1.02 -5.11
C LEU A 393 19.73 1.12 -4.27
N ARG A 394 19.76 2.02 -3.28
CA ARG A 394 20.93 2.17 -2.41
C ARG A 394 20.76 1.53 -1.04
N LEU A 395 19.57 1.55 -0.46
CA LEU A 395 19.43 1.16 0.94
C LEU A 395 19.80 -0.29 1.15
N SER A 396 20.38 -0.58 2.31
CA SER A 396 20.81 -1.92 2.66
C SER A 396 19.63 -2.77 3.11
N THR A 397 19.67 -4.05 2.77
CA THR A 397 18.58 -4.96 3.13
C THR A 397 18.45 -5.15 4.62
N SER A 398 19.50 -4.87 5.40
CA SER A 398 19.41 -4.99 6.84
C SER A 398 18.40 -4.02 7.44
N ASN A 399 17.97 -3.01 6.68
CA ASN A 399 16.85 -2.19 7.13
C ASN A 399 15.56 -2.99 7.16
N LEU A 400 15.31 -3.79 6.11
CA LEU A 400 14.10 -4.58 6.05
C LEU A 400 14.19 -5.85 6.90
N SER A 401 15.40 -6.38 7.09
CA SER A 401 15.57 -7.64 7.80
C SER A 401 15.45 -7.47 9.31
N MET A 402 15.83 -6.32 9.85
CA MET A 402 15.83 -6.08 11.29
C MET A 402 14.64 -5.25 11.76
N GLY A 403 13.66 -5.01 10.88
CA GLY A 403 12.47 -4.26 11.26
C GLY A 403 12.60 -2.76 11.19
N GLU A 404 13.74 -2.23 10.76
CA GLU A 404 13.89 -0.79 10.59
C GLU A 404 12.79 -0.23 9.68
N MET A 405 12.39 -1.00 8.66
CA MET A 405 11.33 -0.62 7.76
C MET A 405 10.85 -1.85 7.01
N THR A 406 9.87 -1.67 6.15
CA THR A 406 9.24 -2.77 5.42
C THR A 406 8.95 -2.33 3.99
N LEU A 407 8.78 -3.32 3.11
CA LEU A 407 8.36 -3.02 1.75
C LEU A 407 7.05 -2.24 1.72
N GLY A 408 6.14 -2.57 2.64
CA GLY A 408 4.89 -1.84 2.71
C GLY A 408 5.07 -0.37 3.01
N GLN A 409 6.02 -0.04 3.89
CA GLN A 409 6.27 1.36 4.21
C GLN A 409 6.78 2.11 3.00
N ILE A 410 7.66 1.49 2.22
CA ILE A 410 8.19 2.13 1.01
C ILE A 410 7.08 2.32 -0.02
N ASN A 411 6.21 1.31 -0.17
CA ASN A 411 5.06 1.47 -1.06
C ASN A 411 4.14 2.59 -0.58
N ASN A 412 3.96 2.71 0.73
CA ASN A 412 3.17 3.81 1.28
C ASN A 412 3.81 5.14 0.95
N LEU A 413 5.13 5.23 1.05
CA LEU A 413 5.82 6.45 0.64
C LEU A 413 5.48 6.80 -0.80
N VAL A 414 5.63 5.85 -1.71
CA VAL A 414 5.41 6.15 -3.11
C VAL A 414 3.96 6.54 -3.36
N ALA A 415 3.01 5.83 -2.75
CA ALA A 415 1.60 6.04 -3.08
C ALA A 415 1.00 7.21 -2.31
N ILE A 416 0.93 7.12 -0.98
CA ILE A 416 0.17 8.10 -0.21
C ILE A 416 1.00 9.35 0.05
N GLU A 417 2.18 9.18 0.65
CA GLU A 417 2.89 10.32 1.24
C GLU A 417 3.35 11.31 0.18
N THR A 418 3.95 10.82 -0.90
CA THR A 418 4.40 11.73 -1.95
C THR A 418 3.22 12.46 -2.57
N ASN A 419 2.11 11.76 -2.79
CA ASN A 419 0.91 12.41 -3.31
C ASN A 419 0.35 13.43 -2.32
N GLN A 420 0.45 13.14 -1.02
CA GLN A 420 0.00 14.11 -0.02
C GLN A 420 0.83 15.39 -0.09
N LEU A 421 2.16 15.25 -0.20
CA LEU A 421 3.00 16.43 -0.37
C LEU A 421 2.63 17.18 -1.66
N MET A 422 2.40 16.45 -2.75
CA MET A 422 2.04 17.10 -4.01
C MET A 422 0.75 17.89 -3.87
N TRP A 423 -0.30 17.25 -3.33
CA TRP A 423 -1.57 17.95 -3.15
C TRP A 423 -1.40 19.18 -2.29
N PHE A 424 -0.59 19.09 -1.23
CA PHE A 424 -0.33 20.28 -0.43
C PHE A 424 0.33 21.37 -1.27
N LEU A 425 1.30 21.00 -2.10
CA LEU A 425 1.99 21.99 -2.91
C LEU A 425 1.07 22.63 -3.94
N PHE A 426 -0.03 21.95 -4.32
CA PHE A 426 -1.01 22.62 -5.17
C PHE A 426 -1.62 23.82 -4.44
N LEU A 427 -1.86 23.69 -3.13
CA LEU A 427 -2.50 24.72 -2.33
C LEU A 427 -1.51 25.63 -1.63
N CYS A 428 -0.22 25.54 -1.96
CA CYS A 428 0.79 26.23 -1.16
C CYS A 428 0.64 27.76 -1.18
N PRO A 429 0.48 28.43 -2.32
CA PRO A 429 0.45 29.90 -2.31
C PRO A 429 -0.59 30.49 -1.38
N ASN A 430 -1.60 29.71 -0.98
CA ASN A 430 -2.61 30.24 -0.07
C ASN A 430 -2.00 30.60 1.28
N LEU A 431 -1.07 29.77 1.77
CA LEU A 431 -0.57 29.95 3.13
C LEU A 431 -0.10 31.38 3.37
N TRP A 432 0.51 32.03 2.36
CA TRP A 432 0.93 33.40 2.51
C TRP A 432 0.02 34.40 1.80
N ALA A 433 -0.76 33.95 0.82
CA ALA A 433 -1.65 34.87 0.12
C ALA A 433 -2.91 35.15 0.93
N MET A 434 -3.46 34.14 1.60
CA MET A 434 -4.68 34.34 2.38
C MET A 434 -4.46 35.35 3.51
N PRO A 435 -3.38 35.27 4.30
CA PRO A 435 -3.11 36.34 5.27
C PRO A 435 -3.24 37.74 4.67
N VAL A 436 -2.49 38.00 3.59
CA VAL A 436 -2.47 39.34 3.02
C VAL A 436 -3.88 39.79 2.64
N GLN A 437 -4.60 38.94 1.90
CA GLN A 437 -5.94 39.32 1.47
C GLN A 437 -6.81 39.71 2.65
N ILE A 438 -6.62 39.04 3.79
CA ILE A 438 -7.40 39.39 4.96
C ILE A 438 -6.98 40.75 5.50
N ILE A 439 -5.67 40.96 5.66
CA ILE A 439 -5.20 42.22 6.24
C ILE A 439 -5.70 43.39 5.41
N MET A 440 -5.48 43.34 4.09
CA MET A 440 -5.98 44.38 3.21
C MET A 440 -7.45 44.65 3.49
N GLY A 441 -8.26 43.59 3.57
CA GLY A 441 -9.67 43.78 3.82
C GLY A 441 -9.92 44.61 5.05
N VAL A 442 -9.29 44.24 6.16
CA VAL A 442 -9.45 45.03 7.38
C VAL A 442 -9.07 46.48 7.12
N ILE A 443 -7.92 46.69 6.49
CA ILE A 443 -7.45 48.04 6.26
C ILE A 443 -8.49 48.84 5.49
N LEU A 444 -9.22 48.19 4.58
CA LEU A 444 -10.26 48.90 3.85
C LEU A 444 -11.49 49.10 4.72
N LEU A 445 -11.91 48.08 5.47
CA LEU A 445 -13.04 48.23 6.37
C LEU A 445 -12.85 49.43 7.27
N TYR A 446 -11.65 49.56 7.84
CA TYR A 446 -11.36 50.66 8.75
C TYR A 446 -11.61 52.01 8.09
N ASN A 447 -11.30 52.12 6.79
CA ASN A 447 -11.58 53.38 6.09
C ASN A 447 -13.07 53.68 6.08
N LEU A 448 -13.89 52.67 5.78
CA LEU A 448 -15.33 52.90 5.66
C LEU A 448 -15.99 53.09 7.02
N LEU A 449 -15.63 52.26 7.99
CA LEU A 449 -16.35 52.19 9.26
C LEU A 449 -15.62 52.88 10.41
N GLY A 450 -14.39 53.32 10.21
CA GLY A 450 -13.68 53.93 11.31
C GLY A 450 -13.24 52.91 12.36
N SER A 451 -13.02 53.42 13.57
CA SER A 451 -12.45 52.58 14.63
C SER A 451 -13.31 51.35 14.88
N SER A 452 -14.60 51.41 14.57
CA SER A 452 -15.46 50.26 14.79
C SER A 452 -14.94 49.01 14.10
N ALA A 453 -14.29 49.17 12.94
CA ALA A 453 -13.81 48.01 12.21
C ALA A 453 -12.64 47.32 12.91
N LEU A 454 -11.97 48.00 13.84
CA LEU A 454 -10.89 47.37 14.58
C LEU A 454 -11.38 46.31 15.55
N VAL A 455 -12.64 46.39 15.98
CA VAL A 455 -13.21 45.33 16.82
C VAL A 455 -13.36 44.04 16.03
N GLY A 456 -13.89 44.13 14.81
CA GLY A 456 -13.95 42.97 13.95
C GLY A 456 -12.56 42.45 13.58
N ALA A 457 -11.60 43.36 13.43
CA ALA A 457 -10.25 42.95 13.11
C ALA A 457 -9.67 42.06 14.20
N ALA A 458 -9.98 42.35 15.47
CA ALA A 458 -9.47 41.53 16.57
C ALA A 458 -10.05 40.12 16.51
N VAL A 459 -11.36 40.01 16.31
CA VAL A 459 -11.98 38.68 16.22
C VAL A 459 -11.37 37.91 15.07
N ILE A 460 -11.11 38.58 13.94
CA ILE A 460 -10.51 37.88 12.81
C ILE A 460 -9.07 37.48 13.12
N VAL A 461 -8.34 38.34 13.85
CA VAL A 461 -6.96 38.01 14.20
C VAL A 461 -6.91 36.77 15.07
N LEU A 462 -7.94 36.56 15.89
CA LEU A 462 -7.92 35.41 16.79
C LEU A 462 -7.88 34.08 16.02
N LEU A 463 -8.20 34.08 14.73
CA LEU A 463 -8.11 32.83 13.96
C LEU A 463 -6.69 32.30 13.90
N ALA A 464 -5.68 33.19 13.89
CA ALA A 464 -4.30 32.73 13.82
C ALA A 464 -3.90 31.88 15.00
N PRO A 465 -4.02 32.34 16.26
CA PRO A 465 -3.74 31.45 17.40
C PRO A 465 -4.59 30.19 17.39
N ILE A 466 -5.88 30.32 17.10
CA ILE A 466 -6.77 29.17 17.15
C ILE A 466 -6.36 28.13 16.12
N GLN A 467 -6.12 28.58 14.89
CA GLN A 467 -5.77 27.64 13.82
C GLN A 467 -4.40 27.03 14.05
N TYR A 468 -3.45 27.77 14.64
CA TYR A 468 -2.18 27.15 15.01
C TYR A 468 -2.37 26.06 16.04
N PHE A 469 -3.17 26.32 17.08
CA PHE A 469 -3.42 25.30 18.10
C PHE A 469 -4.08 24.06 17.50
N ILE A 470 -5.10 24.28 16.67
CA ILE A 470 -5.78 23.16 16.05
C ILE A 470 -4.82 22.39 15.14
N ALA A 471 -3.90 23.10 14.49
CA ALA A 471 -2.92 22.41 13.65
C ALA A 471 -1.97 21.56 14.48
N THR A 472 -1.57 22.05 15.65
CA THR A 472 -0.78 21.20 16.55
C THR A 472 -1.51 19.91 16.89
N LYS A 473 -2.77 20.03 17.30
CA LYS A 473 -3.55 18.85 17.66
C LYS A 473 -3.74 17.91 16.47
N LEU A 474 -4.03 18.48 15.30
CA LEU A 474 -4.17 17.66 14.10
C LEU A 474 -2.87 16.95 13.75
N ALA A 475 -1.72 17.61 13.96
CA ALA A 475 -0.45 16.97 13.66
C ALA A 475 -0.23 15.76 14.55
N GLU A 476 -0.49 15.90 15.85
CA GLU A 476 -0.36 14.75 16.75
C GLU A 476 -1.30 13.62 16.32
N ALA A 477 -2.57 13.97 16.05
CA ALA A 477 -3.54 12.94 15.68
C ALA A 477 -3.17 12.26 14.38
N GLN A 478 -2.67 13.01 13.40
CA GLN A 478 -2.30 12.44 12.12
C GLN A 478 -1.09 11.53 12.25
N LYS A 479 -0.11 11.90 13.08
CA LYS A 479 1.01 11.01 13.31
C LYS A 479 0.55 9.69 13.93
N SER A 480 -0.33 9.76 14.93
CA SER A 480 -0.84 8.52 15.51
C SER A 480 -1.62 7.69 14.50
N THR A 481 -2.46 8.35 13.69
CA THR A 481 -3.23 7.63 12.68
C THR A 481 -2.30 6.95 11.68
N LEU A 482 -1.24 7.64 11.25
CA LEU A 482 -0.29 7.04 10.31
C LEU A 482 0.40 5.82 10.94
N ASP A 483 0.80 5.94 12.21
CA ASP A 483 1.42 4.79 12.88
C ASP A 483 0.48 3.59 12.89
N TYR A 484 -0.76 3.78 13.35
CA TYR A 484 -1.68 2.65 13.46
C TYR A 484 -2.11 2.15 12.09
N SER A 485 -2.18 3.03 11.09
CA SER A 485 -2.44 2.57 9.73
C SER A 485 -1.31 1.68 9.22
N THR A 486 -0.07 2.07 9.49
CA THR A 486 1.07 1.22 9.11
C THR A 486 0.95 -0.16 9.75
N GLU A 487 0.70 -0.20 11.06
CA GLU A 487 0.62 -1.49 11.75
C GLU A 487 -0.55 -2.33 11.23
N ARG A 488 -1.72 -1.70 11.03
CA ARG A 488 -2.88 -2.43 10.54
C ARG A 488 -2.65 -2.98 9.15
N LEU A 489 -2.02 -2.19 8.27
CA LEU A 489 -1.71 -2.69 6.93
C LEU A 489 -0.70 -3.82 6.98
N LYS A 490 0.27 -3.74 7.89
CA LYS A 490 1.21 -4.84 8.06
C LYS A 490 0.48 -6.14 8.39
N LYS A 491 -0.41 -6.08 9.39
CA LYS A 491 -1.16 -7.29 9.77
C LYS A 491 -2.04 -7.78 8.62
N THR A 492 -2.71 -6.86 7.93
CA THR A 492 -3.58 -7.25 6.83
C THR A 492 -2.79 -7.93 5.71
N ASN A 493 -1.62 -7.38 5.37
CA ASN A 493 -0.80 -7.97 4.32
C ASN A 493 -0.30 -9.36 4.73
N GLU A 494 0.15 -9.50 5.98
CA GLU A 494 0.60 -10.81 6.43
C GLU A 494 -0.54 -11.83 6.41
N ILE A 495 -1.76 -11.39 6.72
CA ILE A 495 -2.92 -12.28 6.61
C ILE A 495 -3.10 -12.70 5.15
N LEU A 496 -3.25 -11.72 4.26
CA LEU A 496 -3.57 -12.02 2.88
C LEU A 496 -2.54 -12.95 2.25
N LYS A 497 -1.26 -12.74 2.55
CA LYS A 497 -0.23 -13.59 1.98
C LYS A 497 -0.31 -15.01 2.54
N GLY A 498 -0.68 -15.16 3.81
CA GLY A 498 -0.70 -16.46 4.44
C GLY A 498 -2.08 -17.02 4.67
N ILE A 499 -3.03 -16.67 3.80
CA ILE A 499 -4.41 -17.11 4.00
C ILE A 499 -4.50 -18.62 4.02
N LYS A 500 -3.66 -19.31 3.24
CA LYS A 500 -3.71 -20.77 3.22
C LYS A 500 -3.41 -21.36 4.59
N LEU A 501 -2.30 -20.92 5.20
CA LEU A 501 -1.92 -21.44 6.51
C LEU A 501 -2.96 -21.10 7.57
N LEU A 502 -3.38 -19.83 7.62
CA LEU A 502 -4.39 -19.43 8.59
C LEU A 502 -5.64 -20.29 8.44
N LYS A 503 -6.17 -20.39 7.22
CA LYS A 503 -7.38 -21.16 7.00
C LYS A 503 -7.19 -22.63 7.36
N LEU A 504 -5.97 -23.15 7.19
CA LEU A 504 -5.72 -24.54 7.54
C LEU A 504 -5.63 -24.76 9.05
N TYR A 505 -5.16 -23.76 9.80
CA TYR A 505 -4.99 -23.90 11.24
C TYR A 505 -6.17 -23.36 12.04
N ALA A 506 -7.22 -22.88 11.39
CA ALA A 506 -8.38 -22.30 12.08
C ALA A 506 -7.99 -21.06 12.87
N TRP A 507 -6.99 -20.34 12.40
CA TRP A 507 -6.53 -19.11 13.05
C TRP A 507 -7.03 -17.85 12.35
N GLU A 508 -7.94 -17.99 11.38
CA GLU A 508 -8.36 -16.83 10.60
C GLU A 508 -8.91 -15.74 11.52
N HIS A 509 -9.84 -16.12 12.40
CA HIS A 509 -10.57 -15.13 13.19
C HIS A 509 -9.68 -14.48 14.24
N ILE A 510 -8.64 -15.16 14.70
CA ILE A 510 -7.75 -14.56 15.69
C ILE A 510 -7.01 -13.37 15.08
N PHE A 511 -6.40 -13.58 13.91
CA PHE A 511 -5.72 -12.49 13.23
C PHE A 511 -6.71 -11.41 12.78
N CYS A 512 -7.93 -11.80 12.40
CA CYS A 512 -8.95 -10.81 12.11
C CYS A 512 -9.24 -9.94 13.33
N LYS A 513 -9.32 -10.55 14.51
CA LYS A 513 -9.57 -9.78 15.73
C LYS A 513 -8.43 -8.82 16.03
N SER A 514 -7.19 -9.26 15.85
CA SER A 514 -6.06 -8.36 16.09
C SER A 514 -6.09 -7.18 15.11
N VAL A 515 -6.37 -7.47 13.83
CA VAL A 515 -6.48 -6.39 12.86
C VAL A 515 -7.58 -5.42 13.25
N GLU A 516 -8.70 -5.96 13.77
CA GLU A 516 -9.80 -5.09 14.19
C GLU A 516 -9.41 -4.24 15.40
N GLU A 517 -8.60 -4.77 16.31
CA GLU A 517 -8.12 -3.95 17.42
C GLU A 517 -7.30 -2.77 16.92
N THR A 518 -6.34 -3.05 16.03
CA THR A 518 -5.55 -1.95 15.49
C THR A 518 -6.42 -0.97 14.69
N ARG A 519 -7.46 -1.48 14.03
CA ARG A 519 -8.39 -0.61 13.33
C ARG A 519 -9.15 0.28 14.30
N MET A 520 -9.53 -0.25 15.47
CA MET A 520 -10.19 0.57 16.47
C MET A 520 -9.27 1.70 16.93
N LYS A 521 -8.00 1.39 17.17
CA LYS A 521 -7.07 2.46 17.56
C LYS A 521 -6.93 3.50 16.45
N GLU A 522 -6.79 3.05 15.20
CA GLU A 522 -6.68 3.97 14.09
C GLU A 522 -7.92 4.85 14.00
N LEU A 523 -9.10 4.29 14.30
CA LEU A 523 -10.33 5.06 14.22
C LEU A 523 -10.47 6.03 15.38
N SER A 524 -9.91 5.71 16.54
CA SER A 524 -9.85 6.70 17.62
C SER A 524 -8.98 7.90 17.20
N SER A 525 -7.83 7.63 16.61
CA SER A 525 -6.98 8.72 16.12
C SER A 525 -7.72 9.52 15.05
N LEU A 526 -8.41 8.83 14.15
CA LEU A 526 -9.17 9.53 13.11
C LEU A 526 -10.32 10.34 13.70
N LYS A 527 -10.91 9.89 14.81
CA LYS A 527 -11.97 10.68 15.43
C LYS A 527 -11.40 11.95 16.06
N THR A 528 -10.20 11.87 16.66
CA THR A 528 -9.58 13.10 17.15
C THR A 528 -9.31 14.06 16.00
N PHE A 529 -8.76 13.54 14.89
CA PHE A 529 -8.50 14.39 13.74
C PHE A 529 -9.78 15.01 13.21
N ALA A 530 -10.87 14.23 13.18
CA ALA A 530 -12.14 14.75 12.69
C ALA A 530 -12.73 15.80 13.62
N LEU A 531 -12.67 15.57 14.94
CA LEU A 531 -13.15 16.56 15.89
C LEU A 531 -12.44 17.88 15.70
N TYR A 532 -11.11 17.86 15.59
CA TYR A 532 -10.40 19.12 15.46
C TYR A 532 -10.56 19.72 14.07
N THR A 533 -10.74 18.90 13.04
CA THR A 533 -11.12 19.45 11.73
C THR A 533 -12.51 20.07 11.77
N SER A 534 -13.44 19.42 12.47
CA SER A 534 -14.77 19.98 12.61
C SER A 534 -14.75 21.27 13.43
N LEU A 535 -13.78 21.39 14.34
CA LEU A 535 -13.66 22.63 15.12
C LEU A 535 -13.04 23.75 14.30
N SER A 536 -12.08 23.43 13.43
CA SER A 536 -11.51 24.46 12.58
C SER A 536 -12.53 25.01 11.60
N ILE A 537 -13.38 24.14 11.04
CA ILE A 537 -14.43 24.62 10.15
C ILE A 537 -15.40 25.51 10.91
N PHE A 538 -15.72 25.14 12.16
CA PHE A 538 -16.63 25.96 12.94
C PHE A 538 -16.05 27.36 13.17
N MET A 539 -14.77 27.45 13.51
CA MET A 539 -14.17 28.75 13.80
C MET A 539 -14.11 29.60 12.54
N ASN A 540 -13.66 29.03 11.43
CA ASN A 540 -13.57 29.79 10.19
C ASN A 540 -14.92 30.35 9.77
N ALA A 541 -16.01 29.66 10.10
CA ALA A 541 -17.34 30.10 9.72
C ALA A 541 -17.95 31.08 10.73
N ALA A 542 -17.69 30.87 12.02
CA ALA A 542 -18.38 31.60 13.07
C ALA A 542 -17.61 32.79 13.60
N ILE A 543 -16.33 32.93 13.25
CA ILE A 543 -15.59 34.14 13.62
C ILE A 543 -15.99 35.26 12.67
N PRO A 544 -16.24 34.99 11.39
CA PRO A 544 -16.86 36.03 10.55
C PRO A 544 -18.24 36.49 11.02
N ILE A 545 -19.11 35.58 11.45
CA ILE A 545 -20.41 35.98 11.99
C ILE A 545 -20.22 36.90 13.19
N ALA A 546 -19.30 36.51 14.09
CA ALA A 546 -19.03 37.32 15.27
C ALA A 546 -18.39 38.67 14.91
N ALA A 547 -17.50 38.68 13.92
CA ALA A 547 -16.84 39.91 13.52
C ALA A 547 -17.83 40.89 12.92
N VAL A 548 -18.72 40.41 12.05
CA VAL A 548 -19.78 41.26 11.52
C VAL A 548 -20.60 41.83 12.66
N LEU A 549 -20.98 40.98 13.61
CA LEU A 549 -21.76 41.44 14.76
C LEU A 549 -21.02 42.59 15.44
N ALA A 550 -19.86 42.27 16.04
CA ALA A 550 -19.08 43.26 16.77
C ALA A 550 -18.96 44.56 15.98
N THR A 551 -18.55 44.46 14.72
CA THR A 551 -18.29 45.66 13.92
C THR A 551 -19.53 46.54 13.80
N PHE A 552 -20.64 45.95 13.35
CA PHE A 552 -21.80 46.78 13.05
C PHE A 552 -22.50 47.24 14.32
N VAL A 553 -22.51 46.43 15.38
CA VAL A 553 -23.06 46.89 16.65
C VAL A 553 -22.24 48.06 17.20
N THR A 554 -20.91 47.90 17.22
CA THR A 554 -20.07 48.99 17.70
C THR A 554 -20.29 50.26 16.89
N HIS A 555 -20.39 50.14 15.57
CA HIS A 555 -20.66 51.31 14.75
C HIS A 555 -22.02 51.91 15.09
N ALA A 556 -23.00 51.06 15.39
CA ALA A 556 -24.32 51.55 15.78
C ALA A 556 -24.24 52.40 17.03
N TYR A 557 -23.41 52.01 17.99
CA TYR A 557 -23.35 52.70 19.27
C TYR A 557 -22.18 53.66 19.43
N ALA A 558 -21.37 53.85 18.40
CA ALA A 558 -20.24 54.78 18.47
C ALA A 558 -20.41 55.97 17.53
N SER A 559 -20.58 55.72 16.24
CA SER A 559 -20.76 56.79 15.26
C SER A 559 -22.24 57.18 15.24
N GLY A 560 -22.54 58.38 15.73
CA GLY A 560 -23.92 58.84 15.71
C GLY A 560 -24.53 58.80 14.32
N ASN A 561 -23.72 59.09 13.31
CA ASN A 561 -24.19 59.00 11.93
C ASN A 561 -24.41 57.54 11.56
N ASN A 562 -25.61 57.24 11.07
CA ASN A 562 -25.92 55.88 10.63
C ASN A 562 -25.15 55.56 9.34
N LEU A 563 -25.00 54.26 9.08
CA LEU A 563 -24.42 53.83 7.81
C LEU A 563 -25.35 54.18 6.66
N LYS A 564 -24.84 54.91 5.68
CA LYS A 564 -25.57 55.07 4.44
C LYS A 564 -25.50 53.77 3.66
N PRO A 565 -26.48 53.52 2.78
CA PRO A 565 -26.51 52.20 2.10
C PRO A 565 -25.22 51.88 1.36
N ALA A 566 -24.58 52.87 0.73
CA ALA A 566 -23.37 52.61 -0.04
C ALA A 566 -22.27 52.05 0.86
N GLU A 567 -21.99 52.73 1.98
CA GLU A 567 -20.96 52.25 2.90
C GLU A 567 -21.34 50.90 3.50
N ALA A 568 -22.62 50.72 3.83
CA ALA A 568 -23.07 49.45 4.39
C ALA A 568 -22.75 48.30 3.45
N PHE A 569 -23.12 48.43 2.17
CA PHE A 569 -22.90 47.34 1.22
C PHE A 569 -21.43 47.19 0.87
N ALA A 570 -20.66 48.28 0.85
CA ALA A 570 -19.22 48.16 0.64
C ALA A 570 -18.58 47.36 1.77
N SER A 571 -18.94 47.66 3.02
CA SER A 571 -18.39 46.92 4.15
C SER A 571 -18.82 45.47 4.13
N LEU A 572 -20.09 45.21 3.79
CA LEU A 572 -20.55 43.82 3.72
C LEU A 572 -19.81 43.05 2.63
N SER A 573 -19.52 43.71 1.50
CA SER A 573 -18.75 43.05 0.45
C SER A 573 -17.31 42.78 0.90
N LEU A 574 -16.71 43.71 1.63
CA LEU A 574 -15.38 43.45 2.20
C LEU A 574 -15.43 42.25 3.14
N PHE A 575 -16.51 42.11 3.91
CA PHE A 575 -16.63 40.94 4.77
C PHE A 575 -16.77 39.66 3.96
N HIS A 576 -17.49 39.71 2.83
CA HIS A 576 -17.52 38.54 1.95
C HIS A 576 -16.12 38.20 1.45
N ILE A 577 -15.35 39.21 1.07
CA ILE A 577 -14.00 38.99 0.56
C ILE A 577 -13.06 38.48 1.65
N LEU A 578 -13.37 38.76 2.92
CA LEU A 578 -12.64 38.11 4.00
C LEU A 578 -13.06 36.66 4.15
N VAL A 579 -14.36 36.38 4.06
CA VAL A 579 -14.86 35.03 4.28
C VAL A 579 -14.33 34.07 3.22
N THR A 580 -14.15 34.55 1.99
CA THR A 580 -13.66 33.64 0.94
C THR A 580 -12.32 33.00 1.31
N PRO A 581 -11.30 33.76 1.74
CA PRO A 581 -10.08 33.12 2.24
C PRO A 581 -10.32 32.00 3.24
N LEU A 582 -11.22 32.22 4.19
CA LEU A 582 -11.42 31.27 5.29
C LEU A 582 -12.20 30.02 4.89
N PHE A 583 -12.77 30.00 3.68
CA PHE A 583 -13.41 28.77 3.22
C PHE A 583 -12.39 27.65 3.07
N LEU A 584 -11.22 27.96 2.52
CA LEU A 584 -10.19 26.98 2.22
C LEU A 584 -9.13 26.87 3.31
N LEU A 585 -9.23 27.67 4.38
CA LEU A 585 -8.21 27.63 5.42
C LEU A 585 -8.18 26.27 6.11
N SER A 586 -9.34 25.70 6.39
CA SER A 586 -9.37 24.37 7.01
C SER A 586 -8.73 23.33 6.10
N THR A 587 -9.03 23.41 4.79
CA THR A 587 -8.41 22.47 3.85
C THR A 587 -6.90 22.62 3.86
N VAL A 588 -6.40 23.85 3.82
CA VAL A 588 -4.96 24.00 3.71
C VAL A 588 -4.27 23.60 5.01
N VAL A 589 -4.88 23.86 6.18
CA VAL A 589 -4.23 23.43 7.42
C VAL A 589 -4.25 21.91 7.52
N ARG A 590 -5.34 21.27 7.11
CA ARG A 590 -5.38 19.81 7.06
C ARG A 590 -4.28 19.26 6.17
N PHE A 591 -4.16 19.79 4.95
CA PHE A 591 -3.17 19.26 4.02
C PHE A 591 -1.74 19.60 4.44
N ALA A 592 -1.51 20.77 5.04
CA ALA A 592 -0.18 21.09 5.53
C ALA A 592 0.22 20.18 6.66
N VAL A 593 -0.71 19.89 7.59
CA VAL A 593 -0.41 18.99 8.69
C VAL A 593 -0.14 17.57 8.18
N LYS A 594 -0.88 17.14 7.15
CA LYS A 594 -0.60 15.82 6.59
C LYS A 594 0.74 15.80 5.85
N ALA A 595 1.05 16.88 5.12
CA ALA A 595 2.30 16.93 4.36
C ALA A 595 3.52 17.02 5.26
N ILE A 596 3.39 17.65 6.43
CA ILE A 596 4.52 17.72 7.35
C ILE A 596 4.88 16.33 7.84
N ILE A 597 3.89 15.53 8.23
CA ILE A 597 4.14 14.15 8.61
C ILE A 597 4.76 13.40 7.43
N SER A 598 4.19 13.58 6.24
CA SER A 598 4.68 12.88 5.07
C SER A 598 6.15 13.17 4.82
N VAL A 599 6.55 14.44 4.93
CA VAL A 599 7.94 14.77 4.64
C VAL A 599 8.84 14.35 5.78
N GLN A 600 8.34 14.28 7.01
CA GLN A 600 9.14 13.67 8.08
C GLN A 600 9.45 12.22 7.75
N LYS A 601 8.45 11.47 7.27
CA LYS A 601 8.68 10.07 6.90
C LYS A 601 9.64 9.98 5.71
N LEU A 602 9.45 10.83 4.69
CA LEU A 602 10.34 10.80 3.54
C LEU A 602 11.79 11.10 3.95
N ASN A 603 11.97 12.09 4.82
CA ASN A 603 13.31 12.46 5.25
C ASN A 603 13.95 11.35 6.09
N GLU A 604 13.14 10.68 6.92
CA GLU A 604 13.65 9.51 7.63
C GLU A 604 14.11 8.45 6.65
N PHE A 605 13.34 8.23 5.58
CA PHE A 605 13.71 7.21 4.60
C PHE A 605 15.00 7.58 3.87
N LEU A 606 15.11 8.84 3.44
CA LEU A 606 16.27 9.26 2.66
C LEU A 606 17.53 9.42 3.49
N LEU A 607 17.42 9.31 4.82
CA LEU A 607 18.57 9.25 5.71
C LEU A 607 18.50 7.92 6.45
N SER A 608 19.04 6.88 5.82
CA SER A 608 19.00 5.53 6.37
C SER A 608 20.33 4.86 6.08
N ASP A 609 20.41 3.57 6.39
CA ASP A 609 21.61 2.80 6.09
C ASP A 609 21.69 2.49 4.60
N GLU A 610 22.90 2.58 4.06
CA GLU A 610 23.16 2.26 2.65
C GLU A 610 24.34 1.32 2.57
N ILE A 611 24.51 0.69 1.41
CA ILE A 611 25.61 -0.25 1.24
C ILE A 611 26.94 0.49 1.38
N GLY A 612 27.93 -0.20 1.94
CA GLY A 612 29.24 0.38 2.14
C GLY A 612 29.93 0.80 0.86
N ASP A 665 43.36 -19.88 -11.79
CA ASP A 665 43.27 -18.63 -11.06
C ASP A 665 42.18 -18.69 -10.01
N VAL A 666 41.86 -17.53 -9.42
CA VAL A 666 40.85 -17.41 -8.37
C VAL A 666 39.91 -16.28 -8.75
N ALA A 667 38.67 -16.62 -9.09
CA ALA A 667 37.71 -15.58 -9.46
C ALA A 667 37.41 -14.66 -8.29
N ILE A 668 37.24 -15.22 -7.10
CA ILE A 668 36.95 -14.45 -5.89
C ILE A 668 37.80 -15.00 -4.76
N LYS A 669 38.43 -14.10 -4.00
CA LYS A 669 39.34 -14.47 -2.93
C LYS A 669 38.99 -13.66 -1.68
N VAL A 670 38.48 -14.34 -0.65
CA VAL A 670 38.13 -13.71 0.61
C VAL A 670 39.18 -14.06 1.65
N THR A 671 39.69 -13.05 2.34
CA THR A 671 40.74 -13.25 3.35
C THR A 671 40.37 -12.57 4.65
N ASN A 672 40.42 -13.34 5.73
CA ASN A 672 40.17 -12.88 7.10
C ASN A 672 38.93 -12.00 7.19
N GLY A 673 37.83 -12.51 6.65
CA GLY A 673 36.61 -11.74 6.55
C GLY A 673 35.63 -11.96 7.69
N TYR A 674 35.43 -10.94 8.52
CA TYR A 674 34.40 -10.94 9.56
C TYR A 674 33.25 -10.08 9.07
N PHE A 675 32.11 -10.70 8.80
CA PHE A 675 30.94 -10.01 8.27
C PHE A 675 29.78 -10.14 9.25
N SER A 676 28.96 -9.09 9.32
CA SER A 676 27.82 -9.07 10.24
C SER A 676 26.60 -8.52 9.51
N TRP A 677 25.42 -8.94 9.97
CA TRP A 677 24.17 -8.57 9.33
C TRP A 677 23.64 -7.26 9.92
N GLY A 678 24.41 -6.20 9.70
CA GLY A 678 23.98 -4.86 10.02
C GLY A 678 23.54 -4.68 11.47
N SER A 679 24.11 -5.46 12.37
CA SER A 679 23.76 -5.39 13.79
C SER A 679 24.94 -4.98 14.65
N GLY A 680 26.09 -5.65 14.51
CA GLY A 680 27.23 -5.37 15.36
C GLY A 680 27.94 -6.64 15.78
N LEU A 681 27.21 -7.76 15.76
CA LEU A 681 27.77 -9.06 16.08
C LEU A 681 27.97 -9.86 14.80
N ALA A 682 29.13 -10.50 14.69
CA ALA A 682 29.53 -11.17 13.45
C ALA A 682 28.81 -12.50 13.30
N THR A 683 28.27 -12.74 12.10
CA THR A 683 27.70 -14.04 11.76
C THR A 683 28.71 -14.94 11.05
N LEU A 684 29.67 -14.34 10.33
CA LEU A 684 30.76 -15.06 9.70
C LEU A 684 32.08 -14.63 10.34
N SER A 685 33.00 -15.57 10.50
CA SER A 685 34.28 -15.28 11.13
C SER A 685 35.36 -16.16 10.52
N ASN A 686 36.53 -15.57 10.29
CA ASN A 686 37.68 -16.28 9.74
C ASN A 686 37.32 -16.97 8.42
N ILE A 687 36.78 -16.18 7.49
CA ILE A 687 36.38 -16.68 6.18
C ILE A 687 37.60 -16.60 5.27
N ASP A 688 38.28 -17.72 5.08
CA ASP A 688 39.44 -17.84 4.20
C ASP A 688 39.06 -18.80 3.08
N ILE A 689 38.47 -18.27 2.01
CA ILE A 689 37.98 -19.08 0.90
C ILE A 689 38.56 -18.54 -0.40
N ARG A 690 38.57 -19.41 -1.41
CA ARG A 690 38.88 -19.02 -2.78
C ARG A 690 37.98 -19.83 -3.71
N ILE A 691 37.44 -19.14 -4.72
CA ILE A 691 36.55 -19.75 -5.70
C ILE A 691 37.32 -19.91 -7.00
N PRO A 692 37.75 -21.11 -7.36
CA PRO A 692 38.54 -21.28 -8.60
C PRO A 692 37.76 -20.81 -9.81
N THR A 693 38.50 -20.25 -10.77
CA THR A 693 37.89 -19.63 -11.95
C THR A 693 37.39 -20.70 -12.90
N GLY A 694 36.17 -20.51 -13.40
CA GLY A 694 35.61 -21.43 -14.38
C GLY A 694 35.49 -22.86 -13.90
N GLN A 695 35.13 -23.05 -12.63
CA GLN A 695 34.94 -24.37 -12.06
C GLN A 695 33.73 -24.35 -11.15
N LEU A 696 33.30 -25.56 -10.74
CA LEU A 696 32.11 -25.72 -9.91
C LEU A 696 32.51 -25.74 -8.44
N THR A 697 32.00 -24.79 -7.68
CA THR A 697 32.24 -24.70 -6.24
C THR A 697 30.92 -24.98 -5.52
N MET A 698 30.94 -25.97 -4.63
CA MET A 698 29.75 -26.36 -3.88
C MET A 698 29.97 -26.07 -2.40
N ILE A 699 28.98 -25.41 -1.79
CA ILE A 699 29.01 -25.04 -0.39
C ILE A 699 28.04 -25.94 0.37
N VAL A 700 28.53 -26.57 1.44
CA VAL A 700 27.78 -27.57 2.19
C VAL A 700 27.81 -27.20 3.67
N GLY A 701 26.64 -27.21 4.30
CA GLY A 701 26.54 -26.94 5.72
C GLY A 701 25.13 -27.10 6.24
N GLN A 702 24.99 -27.51 7.50
CA GLN A 702 23.67 -27.66 8.08
C GLN A 702 22.96 -26.30 8.14
N VAL A 703 21.66 -26.35 8.46
CA VAL A 703 20.85 -25.14 8.43
C VAL A 703 21.46 -24.07 9.32
N GLY A 704 21.40 -22.82 8.86
CA GLY A 704 21.91 -21.70 9.63
C GLY A 704 23.40 -21.74 9.85
N CYS A 705 24.18 -21.93 8.78
CA CYS A 705 25.63 -22.00 8.87
C CYS A 705 26.34 -20.99 8.00
N GLY A 706 25.64 -19.97 7.51
CA GLY A 706 26.29 -18.86 6.85
C GLY A 706 26.57 -19.03 5.37
N LYS A 707 25.86 -19.92 4.68
CA LYS A 707 26.10 -20.13 3.26
C LYS A 707 25.51 -19.00 2.42
N SER A 708 24.20 -18.78 2.53
CA SER A 708 23.60 -17.61 1.90
C SER A 708 24.22 -16.32 2.45
N SER A 709 24.60 -16.32 3.73
CA SER A 709 25.33 -15.19 4.28
C SER A 709 26.66 -15.00 3.55
N LEU A 710 27.37 -16.10 3.29
CA LEU A 710 28.64 -16.00 2.57
C LEU A 710 28.43 -15.42 1.18
N LEU A 711 27.41 -15.90 0.47
CA LEU A 711 27.13 -15.38 -0.87
C LEU A 711 26.82 -13.89 -0.82
N LEU A 712 25.88 -13.48 0.02
CA LEU A 712 25.53 -12.06 0.09
C LEU A 712 26.64 -11.23 0.72
N ALA A 713 27.64 -11.87 1.33
CA ALA A 713 28.81 -11.14 1.80
C ALA A 713 29.76 -10.86 0.65
N ILE A 714 30.01 -11.87 -0.20
CA ILE A 714 30.86 -11.65 -1.36
C ILE A 714 30.24 -10.58 -2.27
N LEU A 715 28.94 -10.65 -2.48
CA LEU A 715 28.24 -9.60 -3.21
C LEU A 715 28.25 -8.27 -2.45
N GLY A 716 28.74 -8.26 -1.22
CA GLY A 716 28.87 -7.02 -0.47
C GLY A 716 27.59 -6.49 0.12
N GLU A 717 26.60 -7.36 0.36
CA GLU A 717 25.28 -6.91 0.80
C GLU A 717 25.20 -6.69 2.30
N MET A 718 26.20 -7.11 3.07
CA MET A 718 26.22 -6.90 4.50
C MET A 718 27.55 -6.29 4.92
N GLN A 719 27.51 -5.34 5.84
CA GLN A 719 28.69 -4.54 6.16
C GLN A 719 29.83 -5.42 6.65
N THR A 720 31.04 -5.06 6.23
CA THR A 720 32.24 -5.82 6.56
C THR A 720 32.91 -5.21 7.79
N LEU A 721 33.15 -6.05 8.79
CA LEU A 721 33.85 -5.62 9.99
C LEU A 721 35.37 -5.75 9.87
N GLU A 722 35.85 -6.63 9.00
CA GLU A 722 37.27 -6.88 8.85
C GLU A 722 37.46 -7.84 7.68
N GLY A 723 38.66 -7.81 7.09
CA GLY A 723 38.99 -8.68 5.98
C GLY A 723 38.75 -8.03 4.64
N LYS A 724 39.07 -8.77 3.59
CA LYS A 724 38.92 -8.25 2.23
C LYS A 724 38.35 -9.31 1.31
N VAL A 725 37.71 -8.83 0.23
CA VAL A 725 37.27 -9.66 -0.88
C VAL A 725 37.92 -9.10 -2.16
N TYR A 726 38.51 -9.99 -2.95
CA TYR A 726 39.17 -9.64 -4.20
C TYR A 726 38.44 -10.29 -5.35
N TRP A 727 38.25 -9.52 -6.43
CA TRP A 727 37.45 -9.94 -7.58
C TRP A 727 38.31 -10.13 -8.83
N ASN A 728 39.46 -10.77 -8.67
CA ASN A 728 40.36 -11.03 -9.79
C ASN A 728 39.61 -11.60 -10.99
N SER A 744 35.05 -2.37 -6.83
CA SER A 744 34.31 -2.68 -8.05
C SER A 744 34.04 -4.18 -8.17
N ARG A 745 32.84 -4.52 -8.63
CA ARG A 745 32.38 -5.90 -8.73
C ARG A 745 31.90 -6.18 -10.14
N TYR A 746 32.11 -7.41 -10.59
CA TYR A 746 31.58 -7.86 -11.87
C TYR A 746 30.13 -8.30 -11.72
N SER A 747 29.42 -8.34 -12.85
CA SER A 747 28.05 -8.84 -12.85
C SER A 747 28.06 -10.32 -12.54
N VAL A 748 27.31 -10.72 -11.51
CA VAL A 748 27.19 -12.12 -11.09
C VAL A 748 25.72 -12.50 -11.16
N ALA A 749 25.44 -13.63 -11.79
CA ALA A 749 24.06 -14.09 -11.98
C ALA A 749 23.60 -14.81 -10.72
N TYR A 750 22.66 -14.20 -10.00
CA TYR A 750 22.23 -14.68 -8.69
C TYR A 750 20.87 -15.34 -8.82
N ALA A 751 20.80 -16.62 -8.44
CA ALA A 751 19.54 -17.35 -8.29
C ALA A 751 19.32 -17.50 -6.79
N ALA A 752 18.54 -16.59 -6.21
CA ALA A 752 18.36 -16.52 -4.77
C ALA A 752 17.53 -17.69 -4.26
N GLN A 753 17.70 -18.00 -2.97
CA GLN A 753 16.97 -19.11 -2.38
C GLN A 753 15.47 -18.89 -2.43
N LYS A 754 15.02 -17.68 -2.10
CA LYS A 754 13.62 -17.32 -2.28
C LYS A 754 13.45 -16.72 -3.67
N PRO A 755 12.95 -17.47 -4.65
CA PRO A 755 12.94 -16.95 -6.03
C PRO A 755 12.14 -15.66 -6.14
N TRP A 756 12.63 -14.77 -7.00
CA TRP A 756 12.00 -13.48 -7.26
C TRP A 756 11.67 -13.37 -8.74
N LEU A 757 10.42 -13.07 -9.05
CA LEU A 757 9.94 -12.96 -10.43
C LEU A 757 9.27 -11.60 -10.63
N LEU A 758 9.63 -10.92 -11.70
CA LEU A 758 8.98 -9.66 -12.03
C LEU A 758 7.61 -9.92 -12.63
N ASN A 759 6.86 -8.84 -12.85
CA ASN A 759 5.50 -8.92 -13.37
C ASN A 759 5.43 -8.91 -14.89
N ALA A 760 6.53 -9.28 -15.56
CA ALA A 760 6.54 -9.38 -17.01
C ALA A 760 6.26 -10.83 -17.40
N THR A 761 6.41 -11.14 -18.69
CA THR A 761 6.08 -12.48 -19.18
C THR A 761 7.17 -13.47 -18.76
N VAL A 762 6.96 -14.75 -19.10
CA VAL A 762 7.98 -15.77 -18.86
C VAL A 762 9.26 -15.42 -19.62
N GLU A 763 9.11 -15.03 -20.89
CA GLU A 763 10.26 -14.70 -21.71
C GLU A 763 11.03 -13.52 -21.14
N GLU A 764 10.34 -12.52 -20.61
CA GLU A 764 11.02 -11.37 -20.04
C GLU A 764 11.78 -11.75 -18.77
N ASN A 765 11.21 -12.61 -17.93
CA ASN A 765 11.90 -13.05 -16.73
C ASN A 765 13.13 -13.88 -17.06
N ILE A 766 13.04 -14.73 -18.08
CA ILE A 766 14.19 -15.55 -18.42
C ILE A 766 15.27 -14.74 -19.12
N THR A 767 14.89 -13.84 -20.04
CA THR A 767 15.88 -13.03 -20.74
C THR A 767 16.44 -11.93 -19.84
N PHE A 768 15.58 -11.29 -19.06
CA PHE A 768 15.98 -10.34 -18.03
C PHE A 768 16.96 -9.31 -18.61
N GLY A 769 16.48 -8.57 -19.61
CA GLY A 769 17.25 -7.49 -20.19
C GLY A 769 18.42 -7.93 -21.05
N SER A 770 18.25 -9.00 -21.81
CA SER A 770 19.26 -9.47 -22.75
C SER A 770 18.63 -9.72 -24.11
N SER A 771 19.45 -9.58 -25.15
CA SER A 771 18.96 -9.79 -26.51
C SER A 771 18.47 -11.23 -26.67
N PHE A 772 17.25 -11.37 -27.16
CA PHE A 772 16.68 -12.71 -27.34
C PHE A 772 17.48 -13.47 -28.39
N ASN A 773 17.83 -14.71 -28.05
CA ASN A 773 18.50 -15.62 -28.98
C ASN A 773 17.79 -16.96 -28.87
N ARG A 774 17.01 -17.32 -29.90
CA ARG A 774 16.14 -18.48 -29.80
C ARG A 774 16.94 -19.75 -29.52
N GLN A 775 18.17 -19.84 -30.01
CA GLN A 775 18.99 -21.03 -29.75
C GLN A 775 19.34 -21.14 -28.28
N ARG A 776 19.88 -20.07 -27.69
CA ARG A 776 20.22 -20.08 -26.28
C ARG A 776 18.97 -20.17 -25.41
N TYR A 777 17.91 -19.47 -25.79
CA TYR A 777 16.65 -19.55 -25.05
C TYR A 777 16.13 -20.98 -25.03
N LYS A 778 16.16 -21.66 -26.18
CA LYS A 778 15.71 -23.04 -26.23
C LYS A 778 16.59 -23.94 -25.38
N ALA A 779 17.91 -23.75 -25.45
CA ALA A 779 18.81 -24.57 -24.64
C ALA A 779 18.49 -24.40 -23.15
N VAL A 780 18.32 -23.15 -22.70
CA VAL A 780 18.05 -22.89 -21.30
C VAL A 780 16.71 -23.51 -20.89
N THR A 781 15.67 -23.29 -21.70
CA THR A 781 14.34 -23.78 -21.34
C THR A 781 14.30 -25.30 -21.29
N ASP A 782 15.03 -25.97 -22.19
CA ASP A 782 15.08 -27.43 -22.17
C ASP A 782 16.01 -27.96 -21.08
N ALA A 783 16.97 -27.15 -20.61
CA ALA A 783 17.79 -27.56 -19.48
C ALA A 783 17.05 -27.39 -18.16
N CYS A 784 16.11 -26.46 -18.09
CA CYS A 784 15.29 -26.26 -16.90
C CYS A 784 13.93 -26.97 -16.98
N SER A 785 13.68 -27.73 -18.05
CA SER A 785 12.43 -28.48 -18.18
C SER A 785 11.21 -27.57 -18.04
N LEU A 786 11.36 -26.31 -18.45
CA LEU A 786 10.24 -25.37 -18.38
C LEU A 786 9.27 -25.51 -19.55
N GLN A 787 9.66 -26.18 -20.62
CA GLN A 787 8.81 -26.27 -21.79
C GLN A 787 7.47 -26.93 -21.50
N PRO A 788 7.42 -28.13 -20.89
CA PRO A 788 6.11 -28.74 -20.62
C PRO A 788 5.26 -27.92 -19.68
N ASP A 789 5.88 -27.17 -18.75
CA ASP A 789 5.11 -26.36 -17.82
C ASP A 789 4.58 -25.09 -18.47
N ILE A 790 5.32 -24.51 -19.42
CA ILE A 790 4.86 -23.27 -20.04
C ILE A 790 3.84 -23.56 -21.14
N ASP A 791 3.95 -24.69 -21.84
CA ASP A 791 2.93 -24.98 -22.84
C ASP A 791 1.59 -25.34 -22.20
N LEU A 792 1.53 -25.52 -20.88
CA LEU A 792 0.29 -25.72 -20.16
C LEU A 792 -0.32 -24.40 -19.68
N LEU A 793 0.35 -23.28 -19.93
CA LEU A 793 -0.13 -21.97 -19.52
C LEU A 793 -1.01 -21.35 -20.59
N PRO A 794 -1.83 -20.35 -20.24
CA PRO A 794 -2.78 -19.77 -21.21
C PRO A 794 -2.11 -19.34 -22.51
N PHE A 795 -1.14 -18.44 -22.42
CA PHE A 795 -0.36 -17.99 -23.58
C PHE A 795 1.06 -18.53 -23.36
N GLY A 796 1.34 -19.69 -23.94
CA GLY A 796 2.61 -20.34 -23.75
C GLY A 796 3.81 -19.45 -24.03
N ASP A 797 4.63 -19.23 -23.02
CA ASP A 797 5.88 -18.49 -23.07
C ASP A 797 5.66 -16.98 -23.12
N GLN A 798 4.42 -16.50 -23.23
CA GLN A 798 4.15 -15.07 -23.25
C GLN A 798 3.09 -14.69 -22.22
N THR A 799 2.84 -15.56 -21.24
CA THR A 799 1.84 -15.30 -20.22
C THR A 799 2.46 -14.51 -19.08
N GLU A 800 1.72 -13.51 -18.59
CA GLU A 800 2.22 -12.67 -17.50
C GLU A 800 2.35 -13.50 -16.23
N ILE A 801 3.48 -13.34 -15.55
CA ILE A 801 3.83 -14.12 -14.37
C ILE A 801 3.99 -13.17 -13.19
N GLY A 802 4.03 -13.76 -11.99
CA GLY A 802 4.25 -13.01 -10.79
C GLY A 802 2.96 -12.37 -10.27
N GLU A 803 3.13 -11.57 -9.22
CA GLU A 803 1.99 -10.83 -8.68
C GLU A 803 1.36 -9.99 -9.78
N ARG A 804 0.02 -9.98 -9.81
CA ARG A 804 -0.79 -9.33 -10.85
C ARG A 804 -0.86 -10.19 -12.11
N GLY A 805 -0.45 -11.45 -12.05
CA GLY A 805 -0.54 -12.36 -13.18
C GLY A 805 -0.78 -13.76 -12.67
N ILE A 806 -0.84 -14.71 -13.62
CA ILE A 806 -1.08 -16.10 -13.23
C ILE A 806 0.03 -16.55 -12.29
N ASN A 807 -0.34 -17.22 -11.21
CA ASN A 807 0.60 -17.62 -10.18
C ASN A 807 1.12 -19.02 -10.49
N LEU A 808 2.44 -19.13 -10.68
CA LEU A 808 3.07 -20.41 -10.91
C LEU A 808 3.26 -21.16 -9.60
N SER A 809 3.37 -22.48 -9.71
CA SER A 809 3.73 -23.28 -8.55
C SER A 809 5.14 -22.94 -8.11
N GLY A 810 5.51 -23.41 -6.91
CA GLY A 810 6.82 -23.10 -6.38
C GLY A 810 7.94 -23.60 -7.26
N GLY A 811 7.85 -24.86 -7.70
CA GLY A 811 8.88 -25.41 -8.56
C GLY A 811 8.99 -24.67 -9.88
N GLN A 812 7.85 -24.28 -10.46
CA GLN A 812 7.88 -23.51 -11.70
C GLN A 812 8.60 -22.18 -11.49
N ARG A 813 8.27 -21.47 -10.41
CA ARG A 813 8.91 -20.18 -10.16
C ARG A 813 10.41 -20.34 -9.95
N GLN A 814 10.81 -21.34 -9.17
CA GLN A 814 12.23 -21.52 -8.90
C GLN A 814 12.99 -21.88 -10.17
N ARG A 815 12.39 -22.74 -11.03
CA ARG A 815 13.07 -23.09 -12.26
C ARG A 815 13.10 -21.93 -13.25
N ILE A 816 12.10 -21.04 -13.21
CA ILE A 816 12.19 -19.83 -14.01
C ILE A 816 13.32 -18.94 -13.51
N CYS A 817 13.48 -18.82 -12.19
CA CYS A 817 14.56 -18.01 -11.65
C CYS A 817 15.93 -18.58 -12.04
N VAL A 818 16.08 -19.90 -11.94
CA VAL A 818 17.33 -20.53 -12.35
C VAL A 818 17.55 -20.40 -13.85
N ALA A 819 16.48 -20.45 -14.64
CA ALA A 819 16.61 -20.20 -16.07
C ALA A 819 17.10 -18.78 -16.33
N ARG A 820 16.56 -17.80 -15.61
CA ARG A 820 17.06 -16.43 -15.70
C ARG A 820 18.56 -16.41 -15.44
N ALA A 821 18.98 -17.02 -14.33
CA ALA A 821 20.40 -17.02 -13.98
C ALA A 821 21.24 -17.65 -15.08
N LEU A 822 20.76 -18.76 -15.65
CA LEU A 822 21.56 -19.46 -16.65
C LEU A 822 21.62 -18.70 -17.97
N TYR A 823 20.55 -17.99 -18.35
CA TYR A 823 20.50 -17.38 -19.67
C TYR A 823 21.43 -16.17 -19.77
N GLN A 824 21.61 -15.44 -18.68
CA GLN A 824 22.50 -14.28 -18.71
C GLN A 824 23.92 -14.70 -19.10
N ASN A 825 24.65 -13.74 -19.67
CA ASN A 825 25.98 -14.01 -20.23
C ASN A 825 27.10 -13.57 -19.28
N THR A 826 26.83 -13.52 -17.98
CA THR A 826 27.89 -13.24 -17.02
C THR A 826 28.78 -14.47 -16.85
N ASN A 827 29.89 -14.28 -16.14
CA ASN A 827 30.86 -15.35 -15.97
C ASN A 827 30.69 -16.11 -14.65
N ILE A 828 30.14 -15.49 -13.63
CA ILE A 828 29.97 -16.11 -12.31
C ILE A 828 28.49 -16.30 -12.05
N VAL A 829 28.11 -17.50 -11.61
CA VAL A 829 26.72 -17.87 -11.39
C VAL A 829 26.60 -18.40 -9.97
N PHE A 830 25.96 -17.63 -9.09
CA PHE A 830 25.72 -18.02 -7.71
C PHE A 830 24.29 -18.57 -7.61
N LEU A 831 24.17 -19.89 -7.46
CA LEU A 831 22.87 -20.55 -7.34
C LEU A 831 22.72 -21.02 -5.90
N ASP A 832 21.72 -20.47 -5.19
CA ASP A 832 21.50 -20.76 -3.78
C ASP A 832 20.38 -21.77 -3.66
N ASP A 833 20.73 -23.05 -3.56
CA ASP A 833 19.79 -24.14 -3.39
C ASP A 833 18.70 -24.08 -4.45
N PRO A 834 19.02 -24.41 -5.70
CA PRO A 834 17.98 -24.43 -6.74
C PRO A 834 17.10 -25.68 -6.72
N PHE A 835 17.43 -26.68 -5.93
CA PHE A 835 16.71 -27.96 -5.92
C PHE A 835 15.74 -28.09 -4.75
N SER A 836 15.44 -26.99 -4.05
CA SER A 836 14.57 -27.09 -2.88
C SER A 836 13.16 -27.52 -3.27
N ALA A 837 12.58 -26.87 -4.27
CA ALA A 837 11.22 -27.18 -4.71
C ALA A 837 11.18 -28.30 -5.74
N LEU A 838 12.27 -28.50 -6.49
CA LEU A 838 12.28 -29.51 -7.54
C LEU A 838 12.31 -30.92 -6.94
N ASP A 839 11.72 -31.86 -7.67
CA ASP A 839 11.73 -33.26 -7.26
C ASP A 839 13.03 -33.91 -7.73
N ILE A 840 13.10 -35.24 -7.66
CA ILE A 840 14.34 -35.94 -8.00
C ILE A 840 14.60 -35.84 -9.51
N HIS A 841 13.58 -36.07 -10.33
CA HIS A 841 13.79 -36.08 -11.77
C HIS A 841 14.16 -34.69 -12.29
N LEU A 842 13.38 -33.67 -11.92
CA LEU A 842 13.69 -32.32 -12.36
C LEU A 842 15.02 -31.85 -11.82
N SER A 843 15.32 -32.17 -10.56
CA SER A 843 16.60 -31.76 -9.97
C SER A 843 17.77 -32.39 -10.70
N ASP A 844 17.69 -33.70 -10.98
CA ASP A 844 18.78 -34.36 -11.67
C ASP A 844 18.91 -33.85 -13.11
N HIS A 845 17.79 -33.52 -13.75
CA HIS A 845 17.86 -32.96 -15.10
C HIS A 845 18.54 -31.59 -15.09
N LEU A 846 18.18 -30.73 -14.13
CA LEU A 846 18.81 -29.43 -14.03
C LEU A 846 20.30 -29.55 -13.71
N MET A 847 20.67 -30.54 -12.90
CA MET A 847 22.07 -30.74 -12.56
C MET A 847 22.86 -31.24 -13.77
N GLN A 848 22.31 -32.21 -14.51
CA GLN A 848 23.06 -32.84 -15.59
C GLN A 848 23.10 -31.95 -16.83
N GLU A 849 21.94 -31.52 -17.33
CA GLU A 849 21.90 -30.73 -18.54
C GLU A 849 22.21 -29.26 -18.27
N GLY A 850 21.73 -28.72 -17.15
CA GLY A 850 21.83 -27.30 -16.89
C GLY A 850 23.17 -26.83 -16.37
N ILE A 851 23.67 -27.45 -15.31
CA ILE A 851 24.87 -26.98 -14.64
C ILE A 851 26.11 -27.66 -15.22
N LEU A 852 26.13 -28.99 -15.19
CA LEU A 852 27.35 -29.70 -15.58
C LEU A 852 27.65 -29.58 -17.07
N LYS A 853 26.61 -29.54 -17.91
CA LYS A 853 26.80 -29.54 -19.36
C LYS A 853 26.74 -28.15 -19.97
N PHE A 854 25.63 -27.43 -19.76
CA PHE A 854 25.44 -26.15 -20.42
C PHE A 854 26.43 -25.10 -19.92
N LEU A 855 26.66 -25.03 -18.62
CA LEU A 855 27.54 -24.00 -18.08
C LEU A 855 29.01 -24.32 -18.31
N GLN A 856 29.41 -25.59 -18.17
CA GLN A 856 30.80 -25.95 -18.39
C GLN A 856 31.22 -25.75 -19.84
N ASP A 857 30.27 -25.70 -20.77
CA ASP A 857 30.60 -25.41 -22.16
C ASP A 857 31.00 -23.94 -22.34
N ASP A 858 30.31 -23.04 -21.65
CA ASP A 858 30.69 -21.63 -21.63
C ASP A 858 31.85 -21.35 -20.68
N LYS A 859 32.27 -22.35 -19.88
CA LYS A 859 33.39 -22.20 -18.96
C LYS A 859 33.13 -21.09 -17.95
N ARG A 860 31.94 -21.12 -17.35
CA ARG A 860 31.52 -20.11 -16.38
C ARG A 860 31.75 -20.63 -14.97
N THR A 861 32.21 -19.74 -14.09
CA THR A 861 32.33 -20.07 -12.67
C THR A 861 30.95 -20.28 -12.07
N VAL A 862 30.81 -21.34 -11.27
CA VAL A 862 29.53 -21.71 -10.67
C VAL A 862 29.74 -21.96 -9.19
N VAL A 863 28.89 -21.37 -8.36
CA VAL A 863 28.91 -21.56 -6.91
C VAL A 863 27.54 -22.05 -6.50
N LEU A 864 27.47 -23.31 -6.05
CA LEU A 864 26.22 -23.95 -5.66
C LEU A 864 26.12 -24.02 -4.14
N VAL A 865 24.96 -23.63 -3.61
CA VAL A 865 24.67 -23.81 -2.18
C VAL A 865 23.55 -24.84 -2.04
N THR A 866 23.92 -26.11 -1.84
CA THR A 866 22.95 -27.19 -1.87
C THR A 866 23.21 -28.16 -0.72
N HIS A 867 22.13 -28.82 -0.29
CA HIS A 867 22.22 -29.92 0.66
C HIS A 867 22.29 -31.28 -0.01
N LYS A 868 22.23 -31.33 -1.34
CA LYS A 868 22.29 -32.58 -2.07
C LYS A 868 23.72 -33.12 -2.07
N LEU A 869 24.08 -33.88 -1.03
CA LEU A 869 25.45 -34.36 -0.90
C LEU A 869 25.81 -35.34 -2.01
N GLN A 870 24.84 -36.00 -2.64
CA GLN A 870 25.15 -36.93 -3.71
C GLN A 870 25.85 -36.25 -4.88
N TYR A 871 25.69 -34.93 -5.02
CA TYR A 871 26.34 -34.18 -6.08
C TYR A 871 27.78 -33.80 -5.75
N LEU A 872 28.27 -34.11 -4.54
CA LEU A 872 29.62 -33.73 -4.18
C LEU A 872 30.67 -34.42 -5.05
N THR A 873 30.31 -35.52 -5.72
CA THR A 873 31.24 -36.17 -6.62
C THR A 873 31.55 -35.28 -7.83
N HIS A 874 30.55 -34.54 -8.30
CA HIS A 874 30.73 -33.65 -9.44
C HIS A 874 31.46 -32.37 -9.10
N ALA A 875 31.51 -31.99 -7.82
CA ALA A 875 32.11 -30.72 -7.43
C ALA A 875 33.59 -30.70 -7.76
N ASP A 876 34.07 -29.53 -8.21
CA ASP A 876 35.50 -29.31 -8.41
C ASP A 876 36.15 -28.69 -7.19
N TRP A 877 35.42 -27.85 -6.45
CA TRP A 877 35.89 -27.26 -5.21
C TRP A 877 34.77 -27.33 -4.19
N ILE A 878 35.10 -27.62 -2.94
CA ILE A 878 34.11 -27.84 -1.90
C ILE A 878 34.43 -26.94 -0.71
N ILE A 879 33.45 -26.14 -0.31
CA ILE A 879 33.51 -25.35 0.92
C ILE A 879 32.54 -25.98 1.91
N ALA A 880 33.04 -26.26 3.12
CA ALA A 880 32.21 -26.77 4.20
C ALA A 880 32.10 -25.71 5.29
N MET A 881 30.88 -25.36 5.67
CA MET A 881 30.63 -24.30 6.62
C MET A 881 29.93 -24.85 7.86
N LYS A 882 30.42 -24.47 9.04
CA LYS A 882 29.77 -24.82 10.29
C LYS A 882 29.76 -23.61 11.20
N ASP A 883 28.60 -23.32 11.80
CA ASP A 883 28.45 -22.28 12.80
C ASP A 883 29.13 -20.98 12.37
N GLY A 884 28.87 -20.59 11.12
CA GLY A 884 29.32 -19.32 10.60
C GLY A 884 30.74 -19.29 10.07
N SER A 885 31.57 -20.29 10.39
CA SER A 885 32.96 -20.30 9.97
C SER A 885 33.21 -21.48 9.04
N VAL A 886 34.15 -21.29 8.11
CA VAL A 886 34.53 -22.37 7.22
C VAL A 886 35.30 -23.43 8.01
N LEU A 887 34.76 -24.65 8.05
CA LEU A 887 35.41 -25.74 8.76
C LEU A 887 36.56 -26.32 7.96
N ARG A 888 36.37 -26.49 6.65
CA ARG A 888 37.39 -27.06 5.79
C ARG A 888 37.04 -26.75 4.34
N GLU A 889 38.07 -26.65 3.50
CA GLU A 889 37.89 -26.24 2.12
C GLU A 889 38.93 -26.94 1.25
N GLY A 890 38.47 -27.52 0.16
CA GLY A 890 39.37 -28.18 -0.76
C GLY A 890 38.63 -29.20 -1.60
N THR A 891 39.39 -29.89 -2.44
CA THR A 891 38.83 -30.98 -3.25
C THR A 891 38.39 -32.11 -2.34
N LEU A 892 37.54 -33.00 -2.90
CA LEU A 892 37.04 -34.12 -2.11
C LEU A 892 38.18 -34.94 -1.54
N LYS A 893 39.20 -35.23 -2.35
CA LYS A 893 40.34 -36.00 -1.86
C LYS A 893 41.10 -35.24 -0.77
N ASP A 894 41.22 -33.92 -0.93
CA ASP A 894 41.88 -33.13 0.11
C ASP A 894 41.14 -33.23 1.43
N ILE A 895 39.81 -33.17 1.39
CA ILE A 895 39.02 -33.31 2.62
C ILE A 895 39.20 -34.69 3.20
N GLN A 896 39.20 -35.73 2.35
CA GLN A 896 39.38 -37.08 2.85
C GLN A 896 40.72 -37.23 3.54
N THR A 897 41.78 -36.64 2.99
CA THR A 897 43.11 -36.78 3.57
C THR A 897 43.22 -35.98 4.86
N LYS A 898 42.74 -34.74 4.87
CA LYS A 898 42.87 -33.89 6.05
C LYS A 898 41.83 -34.23 7.11
N ASP A 899 40.55 -34.05 6.78
CA ASP A 899 39.45 -34.23 7.72
C ASP A 899 38.76 -35.55 7.39
N VAL A 900 39.27 -36.65 7.96
CA VAL A 900 38.62 -37.95 7.78
C VAL A 900 37.24 -37.94 8.41
N GLU A 901 37.07 -37.20 9.50
CA GLU A 901 35.77 -37.15 10.18
C GLU A 901 34.68 -36.62 9.26
N LEU A 902 34.95 -35.50 8.58
CA LEU A 902 33.92 -34.88 7.76
C LEU A 902 33.57 -35.75 6.56
N TYR A 903 34.58 -36.35 5.91
CA TYR A 903 34.31 -37.23 4.77
C TYR A 903 33.52 -38.46 5.21
N GLU A 904 33.88 -39.04 6.36
CA GLU A 904 33.12 -40.17 6.87
C GLU A 904 31.69 -39.77 7.21
N HIS A 905 31.50 -38.57 7.76
CA HIS A 905 30.16 -38.09 8.05
C HIS A 905 29.34 -37.97 6.78
N TRP A 906 29.93 -37.39 5.73
CA TRP A 906 29.22 -37.26 4.46
C TRP A 906 28.86 -38.64 3.89
N LYS A 907 29.80 -39.58 3.94
CA LYS A 907 29.53 -40.91 3.41
C LYS A 907 28.42 -41.61 4.21
N THR A 908 28.44 -41.46 5.53
CA THR A 908 27.38 -42.03 6.36
C THR A 908 26.03 -41.44 6.01
N LEU A 909 25.97 -40.11 5.85
CA LEU A 909 24.71 -39.47 5.48
C LEU A 909 24.21 -39.97 4.13
N MET A 910 25.12 -40.16 3.16
CA MET A 910 24.73 -40.67 1.85
C MET A 910 24.47 -42.17 1.85
N ASN A 911 24.85 -42.88 2.91
CA ASN A 911 24.60 -44.31 3.07
C ASN A 911 25.41 -45.18 2.12
N ARG A 912 26.49 -44.65 1.54
CA ARG A 912 27.35 -45.43 0.66
C ARG A 912 28.02 -46.57 1.42
N TRP A 975 -24.13 8.05 -7.92
CA TRP A 975 -24.53 6.68 -8.25
C TRP A 975 -25.27 6.06 -7.08
N LYS A 976 -25.48 4.74 -7.15
CA LYS A 976 -26.04 4.02 -6.02
C LYS A 976 -25.04 3.94 -4.87
N THR A 977 -23.74 3.94 -5.18
CA THR A 977 -22.73 3.90 -4.13
C THR A 977 -22.73 5.19 -3.32
N CYS A 978 -22.97 6.34 -3.97
CA CYS A 978 -23.07 7.59 -3.24
C CYS A 978 -24.25 7.57 -2.27
N TRP A 979 -25.40 7.08 -2.73
CA TRP A 979 -26.56 6.99 -1.84
C TRP A 979 -26.31 6.01 -0.71
N TRP A 980 -25.64 4.89 -0.99
CA TRP A 980 -25.31 3.95 0.07
C TRP A 980 -24.38 4.59 1.10
N TYR A 981 -23.39 5.36 0.63
CA TYR A 981 -22.49 6.04 1.55
C TYR A 981 -23.23 7.03 2.42
N LEU A 982 -24.16 7.79 1.83
CA LEU A 982 -24.93 8.75 2.61
C LEU A 982 -25.87 8.05 3.59
N THR A 983 -26.49 6.95 3.17
CA THR A 983 -27.45 6.24 4.00
C THR A 983 -26.80 5.44 5.12
N SER A 984 -25.54 5.04 4.96
CA SER A 984 -24.87 4.29 6.01
C SER A 984 -24.90 5.00 7.35
N GLY A 985 -25.15 6.32 7.36
CA GLY A 985 -25.35 7.01 8.62
C GLY A 985 -26.55 6.48 9.39
N GLY A 986 -27.62 6.14 8.67
CA GLY A 986 -28.78 5.52 9.28
C GLY A 986 -30.08 6.28 9.10
N PHE A 987 -30.16 7.08 8.03
CA PHE A 987 -31.32 7.89 7.66
C PHE A 987 -31.57 9.04 8.63
N PHE A 988 -30.80 9.16 9.70
CA PHE A 988 -30.94 10.25 10.67
C PHE A 988 -29.77 11.22 10.64
N LEU A 989 -28.54 10.73 10.50
CA LEU A 989 -27.41 11.62 10.30
C LEU A 989 -27.54 12.38 8.99
N LEU A 990 -28.00 11.70 7.93
CA LEU A 990 -28.13 12.36 6.64
C LEU A 990 -29.13 13.51 6.69
N PHE A 991 -30.33 13.24 7.19
CA PHE A 991 -31.37 14.27 7.19
C PHE A 991 -31.05 15.37 8.20
N LEU A 992 -30.48 15.01 9.35
CA LEU A 992 -30.02 16.03 10.28
C LEU A 992 -28.99 16.93 9.62
N MET A 993 -28.01 16.34 8.93
CA MET A 993 -27.01 17.13 8.23
C MET A 993 -27.65 18.10 7.25
N ILE A 994 -28.52 17.60 6.38
CA ILE A 994 -29.02 18.44 5.29
C ILE A 994 -29.94 19.54 5.82
N PHE A 995 -30.84 19.19 6.74
CA PHE A 995 -31.72 20.21 7.31
C PHE A 995 -30.92 21.25 8.08
N SER A 996 -29.93 20.82 8.86
CA SER A 996 -29.12 21.78 9.61
C SER A 996 -28.36 22.70 8.67
N LYS A 997 -27.81 22.17 7.58
CA LYS A 997 -27.09 23.02 6.63
C LYS A 997 -28.03 24.05 6.01
N LEU A 998 -29.22 23.62 5.59
CA LEU A 998 -30.17 24.56 5.00
C LEU A 998 -30.55 25.65 5.98
N LEU A 999 -30.82 25.28 7.24
CA LEU A 999 -31.19 26.28 8.24
C LEU A 999 -30.02 27.22 8.54
N LYS A 1000 -28.80 26.69 8.61
CA LYS A 1000 -27.63 27.52 8.80
C LYS A 1000 -27.54 28.59 7.74
N HIS A 1001 -27.66 28.19 6.47
CA HIS A 1001 -27.53 29.17 5.39
C HIS A 1001 -28.71 30.12 5.35
N SER A 1002 -29.90 29.67 5.72
CA SER A 1002 -31.03 30.58 5.87
C SER A 1002 -30.70 31.70 6.84
N VAL A 1003 -30.18 31.35 8.02
CA VAL A 1003 -29.87 32.37 9.02
C VAL A 1003 -28.72 33.25 8.56
N ILE A 1004 -27.69 32.64 7.96
CA ILE A 1004 -26.52 33.40 7.52
C ILE A 1004 -26.91 34.44 6.47
N VAL A 1005 -27.85 34.09 5.59
CA VAL A 1005 -28.31 35.03 4.59
C VAL A 1005 -29.28 36.05 5.20
N ALA A 1006 -30.06 35.64 6.19
CA ALA A 1006 -30.92 36.59 6.89
C ALA A 1006 -30.10 37.65 7.60
N ILE A 1007 -28.86 37.33 7.99
CA ILE A 1007 -27.99 38.34 8.58
C ILE A 1007 -27.76 39.47 7.58
N ASP A 1008 -27.42 39.12 6.34
CA ASP A 1008 -27.17 40.14 5.32
C ASP A 1008 -28.44 40.90 4.97
N TYR A 1009 -29.57 40.20 4.86
CA TYR A 1009 -30.83 40.90 4.61
C TYR A 1009 -31.11 41.90 5.73
N TRP A 1010 -30.86 41.49 6.98
CA TRP A 1010 -31.10 42.37 8.12
C TRP A 1010 -30.18 43.58 8.09
N LEU A 1011 -28.91 43.38 7.74
CA LEU A 1011 -28.00 44.52 7.62
C LEU A 1011 -28.48 45.50 6.56
N ALA A 1012 -28.91 44.97 5.40
CA ALA A 1012 -29.43 45.84 4.36
C ALA A 1012 -30.62 46.65 4.85
N THR A 1013 -31.60 45.96 5.46
CA THR A 1013 -32.78 46.66 5.95
C THR A 1013 -32.42 47.69 7.03
N TRP A 1014 -31.52 47.33 7.93
CA TRP A 1014 -31.11 48.23 9.01
C TRP A 1014 -30.47 49.50 8.46
N THR A 1015 -29.47 49.33 7.59
CA THR A 1015 -28.79 50.50 7.03
C THR A 1015 -29.62 51.22 5.98
N SER A 1016 -30.77 50.67 5.60
CA SER A 1016 -31.69 51.38 4.70
C SER A 1016 -32.34 52.59 5.35
N GLU A 1017 -31.99 52.93 6.60
CA GLU A 1017 -32.60 54.09 7.25
C GLU A 1017 -32.18 55.39 6.57
N TYR A 1018 -30.89 55.55 6.31
CA TYR A 1018 -30.37 56.75 5.67
C TYR A 1018 -29.93 56.49 4.24
N GLN A 1028 -30.50 51.86 17.70
CA GLN A 1028 -31.85 51.37 17.99
C GLN A 1028 -31.80 49.98 18.60
N THR A 1029 -32.54 49.78 19.70
CA THR A 1029 -32.49 48.50 20.41
C THR A 1029 -33.10 47.38 19.57
N PHE A 1030 -34.16 47.66 18.82
CA PHE A 1030 -34.85 46.60 18.08
C PHE A 1030 -33.91 45.96 17.05
N TYR A 1031 -33.29 46.78 16.21
CA TYR A 1031 -32.43 46.23 15.17
C TYR A 1031 -31.23 45.51 15.76
N VAL A 1032 -30.63 46.08 16.82
CA VAL A 1032 -29.49 45.43 17.45
C VAL A 1032 -29.89 44.09 18.04
N ALA A 1033 -31.06 44.02 18.68
CA ALA A 1033 -31.49 42.76 19.26
C ALA A 1033 -31.73 41.70 18.19
N GLY A 1034 -32.44 42.07 17.12
CA GLY A 1034 -32.65 41.12 16.04
C GLY A 1034 -31.34 40.65 15.42
N PHE A 1035 -30.43 41.58 15.18
CA PHE A 1035 -29.12 41.25 14.64
C PHE A 1035 -28.37 40.29 15.55
N SER A 1036 -28.40 40.55 16.85
CA SER A 1036 -27.68 39.69 17.79
C SER A 1036 -28.26 38.28 17.82
N ILE A 1037 -29.59 38.16 17.84
CA ILE A 1037 -30.17 36.82 17.89
C ILE A 1037 -29.88 36.06 16.60
N LEU A 1038 -29.95 36.75 15.45
CA LEU A 1038 -29.62 36.06 14.20
C LEU A 1038 -28.17 35.59 14.20
N CYS A 1039 -27.23 36.44 14.66
CA CYS A 1039 -25.83 36.04 14.67
C CYS A 1039 -25.59 34.86 15.62
N GLY A 1040 -26.22 34.89 16.79
CA GLY A 1040 -26.05 33.77 17.72
C GLY A 1040 -26.56 32.47 17.15
N ALA A 1041 -27.75 32.49 16.57
CA ALA A 1041 -28.29 31.28 15.94
C ALA A 1041 -27.39 30.81 14.81
N GLY A 1042 -26.80 31.76 14.06
CA GLY A 1042 -25.86 31.38 13.03
C GLY A 1042 -24.66 30.63 13.58
N ILE A 1043 -24.10 31.12 14.69
CA ILE A 1043 -22.95 30.44 15.29
C ILE A 1043 -23.33 29.02 15.72
N PHE A 1044 -24.48 28.89 16.39
CA PHE A 1044 -24.91 27.58 16.88
C PHE A 1044 -25.09 26.60 15.73
N LEU A 1045 -25.80 27.02 14.68
CA LEU A 1045 -26.00 26.14 13.53
C LEU A 1045 -24.69 25.83 12.82
N CYS A 1046 -23.74 26.76 12.83
CA CYS A 1046 -22.41 26.47 12.28
C CYS A 1046 -21.78 25.30 13.01
N LEU A 1047 -21.81 25.34 14.35
CA LEU A 1047 -21.27 24.24 15.14
C LEU A 1047 -21.91 22.90 14.73
N VAL A 1048 -23.24 22.87 14.71
CA VAL A 1048 -23.94 21.61 14.45
C VAL A 1048 -23.58 21.07 13.05
N THR A 1049 -23.68 21.93 12.03
CA THR A 1049 -23.41 21.49 10.67
C THR A 1049 -21.97 21.05 10.51
N SER A 1050 -21.03 21.67 11.23
CA SER A 1050 -19.66 21.22 11.18
C SER A 1050 -19.54 19.78 11.68
N LEU A 1051 -20.19 19.47 12.81
CA LEU A 1051 -20.02 18.14 13.39
C LEU A 1051 -20.61 17.05 12.49
N THR A 1052 -21.78 17.31 11.89
CA THR A 1052 -22.58 16.21 11.32
C THR A 1052 -21.84 15.46 10.21
N VAL A 1053 -21.27 16.18 9.25
CA VAL A 1053 -20.71 15.53 8.06
C VAL A 1053 -19.51 14.67 8.43
N GLU A 1054 -18.66 15.16 9.34
CA GLU A 1054 -17.51 14.38 9.78
C GLU A 1054 -17.94 13.12 10.51
N TRP A 1055 -19.01 13.21 11.33
CA TRP A 1055 -19.49 12.00 11.98
C TRP A 1055 -19.97 10.98 10.94
N MET A 1056 -20.70 11.44 9.93
CA MET A 1056 -21.12 10.55 8.84
C MET A 1056 -19.91 9.84 8.24
N GLY A 1057 -18.86 10.61 7.93
CA GLY A 1057 -17.68 10.03 7.33
C GLY A 1057 -17.04 8.96 8.20
N LEU A 1058 -16.91 9.24 9.51
CA LEU A 1058 -16.33 8.27 10.41
C LEU A 1058 -17.10 6.95 10.38
N THR A 1059 -18.42 7.02 10.54
CA THR A 1059 -19.22 5.79 10.57
C THR A 1059 -19.10 5.03 9.24
N ALA A 1060 -19.15 5.75 8.12
CA ALA A 1060 -19.04 5.08 6.83
C ALA A 1060 -17.71 4.36 6.69
N ALA A 1061 -16.61 5.01 7.07
CA ALA A 1061 -15.30 4.38 6.97
C ALA A 1061 -15.24 3.11 7.81
N LYS A 1062 -15.68 3.20 9.07
CA LYS A 1062 -15.64 2.04 9.94
C LYS A 1062 -16.40 0.86 9.33
N ASN A 1063 -17.65 1.11 8.92
CA ASN A 1063 -18.47 0.01 8.39
C ASN A 1063 -17.88 -0.56 7.12
N LEU A 1064 -17.43 0.30 6.20
CA LEU A 1064 -16.86 -0.19 4.95
C LEU A 1064 -15.68 -1.12 5.22
N HIS A 1065 -14.72 -0.68 6.03
CA HIS A 1065 -13.55 -1.52 6.27
C HIS A 1065 -13.92 -2.80 7.00
N HIS A 1066 -14.83 -2.72 7.98
CA HIS A 1066 -15.21 -3.91 8.73
C HIS A 1066 -15.83 -4.97 7.81
N ASN A 1067 -16.79 -4.56 6.99
CA ASN A 1067 -17.42 -5.50 6.07
C ASN A 1067 -16.40 -6.06 5.09
N LEU A 1068 -15.55 -5.20 4.53
CA LEU A 1068 -14.54 -5.67 3.59
C LEU A 1068 -13.67 -6.75 4.20
N LEU A 1069 -13.14 -6.50 5.40
CA LEU A 1069 -12.23 -7.47 6.01
C LEU A 1069 -12.96 -8.76 6.37
N ASN A 1070 -14.10 -8.65 7.05
CA ASN A 1070 -14.79 -9.84 7.51
C ASN A 1070 -15.44 -10.63 6.37
N LYS A 1071 -15.49 -10.07 5.15
CA LYS A 1071 -15.91 -10.84 4.00
C LYS A 1071 -14.73 -11.39 3.20
N ILE A 1072 -13.62 -10.66 3.13
CA ILE A 1072 -12.42 -11.17 2.46
C ILE A 1072 -11.91 -12.41 3.18
N ILE A 1073 -11.82 -12.34 4.51
CA ILE A 1073 -11.19 -13.44 5.24
C ILE A 1073 -12.05 -14.71 5.25
N LEU A 1074 -13.33 -14.62 4.90
CA LEU A 1074 -14.19 -15.79 4.88
C LEU A 1074 -14.36 -16.37 3.48
N GLY A 1075 -13.62 -15.86 2.49
CA GLY A 1075 -13.73 -16.37 1.14
C GLY A 1075 -13.04 -17.72 0.98
N PRO A 1076 -13.37 -18.44 -0.08
CA PRO A 1076 -12.68 -19.71 -0.35
C PRO A 1076 -11.25 -19.46 -0.84
N ILE A 1077 -10.42 -20.49 -0.66
CA ILE A 1077 -9.01 -20.37 -1.06
C ILE A 1077 -8.89 -20.17 -2.56
N ARG A 1078 -9.84 -20.70 -3.34
CA ARG A 1078 -9.81 -20.50 -4.78
C ARG A 1078 -9.82 -19.02 -5.12
N PHE A 1079 -10.56 -18.22 -4.36
CA PHE A 1079 -10.60 -16.78 -4.62
C PHE A 1079 -9.21 -16.16 -4.49
N PHE A 1080 -8.46 -16.56 -3.47
CA PHE A 1080 -7.13 -16.00 -3.27
C PHE A 1080 -6.13 -16.54 -4.30
N ASP A 1081 -6.30 -17.78 -4.73
CA ASP A 1081 -5.45 -18.29 -5.80
C ASP A 1081 -5.69 -17.54 -7.11
N THR A 1082 -6.96 -17.28 -7.44
CA THR A 1082 -7.29 -16.65 -8.71
C THR A 1082 -6.97 -15.17 -8.71
N THR A 1083 -7.43 -14.45 -7.69
CA THR A 1083 -7.30 -12.99 -7.68
C THR A 1083 -5.89 -12.60 -7.25
N PRO A 1084 -5.20 -11.72 -7.98
CA PRO A 1084 -3.92 -11.21 -7.51
C PRO A 1084 -4.06 -10.54 -6.15
N LEU A 1085 -3.04 -10.74 -5.30
CA LEU A 1085 -3.04 -10.12 -3.99
C LEU A 1085 -3.07 -8.59 -4.09
N GLY A 1086 -2.57 -8.03 -5.19
CA GLY A 1086 -2.61 -6.59 -5.34
C GLY A 1086 -4.01 -6.03 -5.34
N LEU A 1087 -4.94 -6.71 -6.02
CA LEU A 1087 -6.30 -6.21 -6.13
C LEU A 1087 -7.03 -6.19 -4.79
N ILE A 1088 -6.55 -6.93 -3.80
CA ILE A 1088 -7.14 -6.94 -2.47
C ILE A 1088 -6.41 -5.98 -1.54
N LEU A 1089 -5.08 -6.03 -1.53
CA LEU A 1089 -4.33 -5.13 -0.66
C LEU A 1089 -4.51 -3.68 -1.08
N ASN A 1090 -4.80 -3.41 -2.36
CA ASN A 1090 -5.08 -2.04 -2.76
C ASN A 1090 -6.41 -1.56 -2.19
N ARG A 1091 -7.44 -2.42 -2.23
CA ARG A 1091 -8.67 -2.09 -1.53
C ARG A 1091 -8.38 -1.75 -0.08
N PHE A 1092 -7.55 -2.57 0.57
CA PHE A 1092 -7.33 -2.39 2.00
C PHE A 1092 -6.49 -1.15 2.30
N SER A 1093 -5.59 -0.75 1.40
CA SER A 1093 -4.68 0.37 1.68
C SER A 1093 -5.13 1.69 1.05
N ALA A 1094 -5.20 1.74 -0.29
CA ALA A 1094 -5.43 3.01 -0.95
C ALA A 1094 -6.90 3.42 -0.91
N ASP A 1095 -7.79 2.49 -1.25
CA ASP A 1095 -9.22 2.79 -1.19
C ASP A 1095 -9.65 3.06 0.24
N THR A 1096 -9.09 2.31 1.21
CA THR A 1096 -9.41 2.57 2.61
C THR A 1096 -8.90 3.94 3.04
N ASN A 1097 -7.70 4.33 2.61
CA ASN A 1097 -7.20 5.66 2.91
C ASN A 1097 -8.15 6.73 2.37
N ILE A 1098 -8.61 6.56 1.13
CA ILE A 1098 -9.54 7.53 0.55
C ILE A 1098 -10.81 7.60 1.36
N ILE A 1099 -11.41 6.44 1.67
CA ILE A 1099 -12.68 6.43 2.39
C ILE A 1099 -12.52 7.09 3.75
N ASP A 1100 -11.39 6.84 4.43
CA ASP A 1100 -11.21 7.35 5.79
C ASP A 1100 -10.96 8.85 5.79
N GLN A 1101 -10.06 9.33 4.93
CA GLN A 1101 -9.51 10.68 5.08
C GLN A 1101 -9.82 11.63 3.95
N HIS A 1102 -10.29 11.15 2.80
CA HIS A 1102 -10.48 12.02 1.64
C HIS A 1102 -11.94 12.33 1.32
N ILE A 1103 -12.86 11.44 1.64
CA ILE A 1103 -14.26 11.62 1.25
C ILE A 1103 -14.98 12.59 2.18
N PRO A 1104 -14.79 12.53 3.49
CA PRO A 1104 -15.51 13.47 4.38
C PRO A 1104 -15.19 14.92 4.09
N PRO A 1105 -13.90 15.27 3.94
CA PRO A 1105 -13.58 16.68 3.63
C PRO A 1105 -14.12 17.15 2.29
N THR A 1106 -13.99 16.31 1.26
CA THR A 1106 -14.53 16.67 -0.05
C THR A 1106 -16.04 16.85 0.01
N LEU A 1107 -16.74 15.95 0.69
CA LEU A 1107 -18.18 16.05 0.78
C LEU A 1107 -18.61 17.30 1.54
N GLU A 1108 -17.95 17.61 2.66
CA GLU A 1108 -18.35 18.80 3.42
C GLU A 1108 -18.08 20.08 2.63
N SER A 1109 -16.92 20.16 1.96
CA SER A 1109 -16.64 21.34 1.15
C SER A 1109 -17.65 21.46 0.01
N LEU A 1110 -18.01 20.33 -0.60
CA LEU A 1110 -19.00 20.35 -1.68
C LEU A 1110 -20.33 20.88 -1.18
N THR A 1111 -20.79 20.40 -0.02
CA THR A 1111 -22.07 20.85 0.49
C THR A 1111 -22.04 22.34 0.84
N ARG A 1112 -20.96 22.79 1.49
CA ARG A 1112 -20.85 24.22 1.80
C ARG A 1112 -20.91 25.05 0.53
N SER A 1113 -20.13 24.68 -0.49
CA SER A 1113 -20.08 25.47 -1.71
C SER A 1113 -21.43 25.48 -2.41
N THR A 1114 -22.05 24.30 -2.55
CA THR A 1114 -23.30 24.24 -3.29
C THR A 1114 -24.40 25.01 -2.56
N LEU A 1115 -24.42 24.98 -1.23
CA LEU A 1115 -25.45 25.71 -0.52
C LEU A 1115 -25.18 27.21 -0.51
N LEU A 1116 -23.91 27.63 -0.51
CA LEU A 1116 -23.63 29.05 -0.70
C LEU A 1116 -24.11 29.52 -2.07
N CYS A 1117 -23.90 28.70 -3.11
CA CYS A 1117 -24.35 29.07 -4.45
C CYS A 1117 -25.87 29.13 -4.53
N LEU A 1118 -26.55 28.12 -3.97
CA LEU A 1118 -28.01 28.12 -3.99
C LEU A 1118 -28.57 29.29 -3.19
N SER A 1119 -27.96 29.59 -2.04
CA SER A 1119 -28.38 30.75 -1.25
C SER A 1119 -28.22 32.03 -2.05
N ALA A 1120 -27.09 32.19 -2.76
CA ALA A 1120 -26.89 33.39 -3.55
C ALA A 1120 -27.91 33.50 -4.67
N ILE A 1121 -28.20 32.38 -5.34
CA ILE A 1121 -29.21 32.39 -6.39
C ILE A 1121 -30.56 32.80 -5.82
N GLY A 1122 -30.92 32.22 -4.67
CA GLY A 1122 -32.20 32.56 -4.06
C GLY A 1122 -32.32 34.02 -3.71
N MET A 1123 -31.27 34.56 -3.06
CA MET A 1123 -31.30 35.97 -2.68
C MET A 1123 -31.38 36.87 -3.90
N ILE A 1124 -30.58 36.57 -4.94
CA ILE A 1124 -30.61 37.38 -6.15
C ILE A 1124 -31.99 37.36 -6.78
N SER A 1125 -32.56 36.16 -6.94
CA SER A 1125 -33.86 36.04 -7.59
C SER A 1125 -34.94 36.75 -6.77
N TYR A 1126 -34.87 36.67 -5.44
CA TYR A 1126 -35.81 37.41 -4.61
C TYR A 1126 -35.67 38.91 -4.81
N ALA A 1127 -34.43 39.41 -4.86
CA ALA A 1127 -34.21 40.83 -5.10
C ALA A 1127 -34.72 41.23 -6.48
N THR A 1128 -34.37 40.45 -7.50
CA THR A 1128 -34.78 40.70 -8.88
C THR A 1128 -35.47 39.47 -9.43
N PRO A 1129 -36.81 39.41 -9.40
CA PRO A 1129 -37.49 38.21 -9.92
C PRO A 1129 -37.28 37.99 -11.41
N VAL A 1130 -36.78 38.99 -12.14
CA VAL A 1130 -36.52 38.81 -13.56
C VAL A 1130 -35.29 37.93 -13.79
N PHE A 1131 -34.33 37.95 -12.86
CA PHE A 1131 -33.10 37.19 -13.06
C PHE A 1131 -33.38 35.71 -13.30
N LEU A 1132 -34.49 35.19 -12.76
CA LEU A 1132 -34.81 33.78 -12.98
C LEU A 1132 -34.88 33.46 -14.47
N ILE A 1133 -35.45 34.36 -15.28
CA ILE A 1133 -35.47 34.13 -16.71
C ILE A 1133 -34.05 34.03 -17.25
N ALA A 1134 -33.19 34.96 -16.83
CA ALA A 1134 -31.79 34.91 -17.24
C ALA A 1134 -31.08 33.66 -16.73
N LEU A 1135 -31.68 32.95 -15.77
CA LEU A 1135 -31.11 31.71 -15.28
C LEU A 1135 -31.39 30.54 -16.22
N ALA A 1136 -32.20 30.72 -17.26
CA ALA A 1136 -32.50 29.62 -18.16
C ALA A 1136 -31.33 29.34 -19.11
N PRO A 1137 -30.79 30.36 -19.82
CA PRO A 1137 -29.64 30.08 -20.69
C PRO A 1137 -28.41 29.64 -19.92
N LEU A 1138 -27.99 30.48 -18.97
CA LEU A 1138 -26.74 30.22 -18.25
C LEU A 1138 -26.74 28.84 -17.63
N GLY A 1139 -27.79 28.51 -16.87
CA GLY A 1139 -27.88 27.18 -16.31
C GLY A 1139 -27.67 26.10 -17.36
N VAL A 1140 -28.39 26.23 -18.49
CA VAL A 1140 -28.24 25.25 -19.57
C VAL A 1140 -26.78 25.16 -19.97
N ALA A 1141 -26.13 26.30 -20.20
CA ALA A 1141 -24.73 26.30 -20.56
C ALA A 1141 -23.92 25.45 -19.59
N PHE A 1142 -24.14 25.67 -18.29
CA PHE A 1142 -23.50 24.86 -17.27
C PHE A 1142 -23.65 23.38 -17.59
N TYR A 1143 -24.90 22.92 -17.70
CA TYR A 1143 -25.15 21.50 -17.94
C TYR A 1143 -24.34 20.98 -19.11
N PHE A 1144 -24.08 21.82 -20.11
CA PHE A 1144 -23.34 21.35 -21.27
C PHE A 1144 -21.85 21.21 -20.94
N ILE A 1145 -21.21 22.25 -20.40
CA ILE A 1145 -19.77 22.18 -20.22
C ILE A 1145 -19.42 20.97 -19.37
N GLN A 1146 -20.08 20.82 -18.22
CA GLN A 1146 -19.87 19.65 -17.38
C GLN A 1146 -19.95 18.37 -18.21
N LYS A 1147 -21.05 18.21 -18.97
CA LYS A 1147 -21.20 17.04 -19.82
C LYS A 1147 -19.90 16.77 -20.58
N TYR A 1148 -19.46 17.75 -21.38
CA TYR A 1148 -18.25 17.54 -22.18
C TYR A 1148 -17.09 17.11 -21.30
N PHE A 1149 -16.86 17.86 -20.21
CA PHE A 1149 -15.77 17.53 -19.29
C PHE A 1149 -15.80 16.05 -18.96
N ARG A 1150 -16.98 15.53 -18.59
CA ARG A 1150 -17.06 14.13 -18.19
C ARG A 1150 -16.49 13.21 -19.27
N VAL A 1151 -16.96 13.35 -20.51
CA VAL A 1151 -16.60 12.37 -21.53
C VAL A 1151 -15.09 12.36 -21.74
N ALA A 1152 -14.40 13.44 -21.35
CA ALA A 1152 -12.96 13.44 -21.35
C ALA A 1152 -12.41 12.98 -20.00
N SER A 1153 -12.88 13.60 -18.92
CA SER A 1153 -12.34 13.31 -17.59
C SER A 1153 -12.29 11.81 -17.34
N LYS A 1154 -13.46 11.16 -17.39
CA LYS A 1154 -13.52 9.71 -17.23
C LYS A 1154 -12.40 9.03 -18.01
N ASP A 1155 -12.36 9.27 -19.33
CA ASP A 1155 -11.30 8.71 -20.15
C ASP A 1155 -9.95 8.94 -19.49
N LEU A 1156 -9.55 10.22 -19.35
CA LEU A 1156 -8.27 10.53 -18.77
C LEU A 1156 -8.11 9.87 -17.41
N GLN A 1157 -9.17 9.88 -16.60
CA GLN A 1157 -9.09 9.28 -15.28
C GLN A 1157 -8.62 7.83 -15.40
N GLU A 1158 -9.28 7.05 -16.26
CA GLU A 1158 -8.86 5.66 -16.46
C GLU A 1158 -7.37 5.61 -16.77
N LEU A 1159 -6.93 6.42 -17.73
CA LEU A 1159 -5.52 6.45 -18.09
C LEU A 1159 -4.65 6.72 -16.87
N ASP A 1160 -5.02 7.72 -16.08
CA ASP A 1160 -4.18 8.11 -14.95
C ASP A 1160 -4.10 7.01 -13.91
N ASP A 1161 -5.06 6.08 -13.90
CA ASP A 1161 -5.01 4.95 -12.98
C ASP A 1161 -4.42 3.69 -13.62
N SER A 1162 -4.28 3.66 -14.94
CA SER A 1162 -3.65 2.54 -15.61
C SER A 1162 -2.17 2.78 -15.87
N THR A 1163 -1.73 4.05 -15.84
CA THR A 1163 -0.31 4.37 -15.95
C THR A 1163 0.36 4.49 -14.59
N GLN A 1164 -0.41 4.70 -13.53
CA GLN A 1164 0.17 4.71 -12.19
C GLN A 1164 0.43 3.31 -11.67
N LEU A 1165 -0.42 2.35 -12.02
CA LEU A 1165 -0.25 0.99 -11.51
C LEU A 1165 1.07 0.37 -11.94
N PRO A 1166 1.49 0.44 -13.22
CA PRO A 1166 2.85 -0.01 -13.56
C PRO A 1166 3.91 0.62 -12.67
N LEU A 1167 3.94 1.95 -12.62
CA LEU A 1167 4.93 2.66 -11.82
C LEU A 1167 5.01 2.08 -10.41
N LEU A 1168 3.90 2.10 -9.69
CA LEU A 1168 3.88 1.54 -8.33
C LEU A 1168 4.43 0.13 -8.33
N CYS A 1169 3.96 -0.72 -9.26
CA CYS A 1169 4.42 -2.09 -9.31
C CYS A 1169 5.94 -2.15 -9.46
N HIS A 1170 6.51 -1.27 -10.28
CA HIS A 1170 7.97 -1.20 -10.37
C HIS A 1170 8.58 -0.99 -8.99
N PHE A 1171 8.12 0.04 -8.29
CA PHE A 1171 8.66 0.32 -6.96
C PHE A 1171 8.52 -0.89 -6.06
N SER A 1172 7.53 -1.75 -6.30
CA SER A 1172 7.42 -2.99 -5.55
C SER A 1172 8.50 -3.97 -5.98
N GLU A 1173 8.53 -4.33 -7.27
CA GLU A 1173 9.39 -5.42 -7.70
C GLU A 1173 10.87 -5.07 -7.59
N THR A 1174 11.20 -3.80 -7.36
CA THR A 1174 12.58 -3.44 -7.04
C THR A 1174 12.82 -3.43 -5.53
N ALA A 1175 11.85 -2.95 -4.75
CA ALA A 1175 11.97 -3.03 -3.31
C ALA A 1175 12.20 -4.47 -2.88
N GLU A 1176 11.36 -5.37 -3.36
CA GLU A 1176 11.62 -6.80 -3.27
C GLU A 1176 12.59 -7.21 -4.37
N GLY A 1177 13.38 -8.24 -4.09
CA GLY A 1177 14.38 -8.70 -5.05
C GLY A 1177 15.46 -7.69 -5.33
N LEU A 1178 15.74 -6.79 -4.38
CA LEU A 1178 16.77 -5.78 -4.56
C LEU A 1178 18.14 -6.41 -4.73
N THR A 1179 18.44 -7.44 -3.92
CA THR A 1179 19.73 -8.10 -3.99
C THR A 1179 19.97 -8.70 -5.38
N THR A 1180 18.92 -9.16 -6.05
CA THR A 1180 19.09 -9.72 -7.38
C THR A 1180 19.44 -8.64 -8.39
N ILE A 1181 18.71 -7.52 -8.37
CA ILE A 1181 19.01 -6.41 -9.27
C ILE A 1181 20.46 -5.97 -9.09
N ARG A 1182 20.90 -5.86 -7.84
CA ARG A 1182 22.27 -5.42 -7.59
C ARG A 1182 23.30 -6.53 -7.79
N ALA A 1183 22.87 -7.79 -7.86
CA ALA A 1183 23.79 -8.87 -8.20
C ALA A 1183 24.08 -8.89 -9.70
N PHE A 1184 23.04 -8.76 -10.52
CA PHE A 1184 23.28 -8.61 -11.95
C PHE A 1184 23.84 -7.24 -12.31
N ARG A 1185 23.78 -6.28 -11.38
CA ARG A 1185 24.25 -4.91 -11.63
C ARG A 1185 23.42 -4.23 -12.72
N HIS A 1186 22.12 -4.55 -12.77
CA HIS A 1186 21.20 -3.93 -13.71
C HIS A 1186 20.53 -2.69 -13.14
N GLU A 1187 21.21 -1.99 -12.21
CA GLU A 1187 20.59 -0.83 -11.57
C GLU A 1187 20.34 0.29 -12.57
N THR A 1188 21.24 0.46 -13.55
CA THR A 1188 21.08 1.52 -14.54
C THR A 1188 19.81 1.32 -15.36
N ARG A 1189 19.58 0.09 -15.83
CA ARG A 1189 18.40 -0.18 -16.64
C ARG A 1189 17.12 0.03 -15.85
N PHE A 1190 17.12 -0.35 -14.57
CA PHE A 1190 15.93 -0.16 -13.74
C PHE A 1190 15.69 1.32 -13.43
N LYS A 1191 16.76 2.09 -13.21
CA LYS A 1191 16.59 3.54 -13.10
C LYS A 1191 15.96 4.12 -14.36
N GLN A 1192 16.45 3.69 -15.52
CA GLN A 1192 15.92 4.18 -16.79
C GLN A 1192 14.43 3.84 -16.91
N ARG A 1193 14.06 2.61 -16.56
CA ARG A 1193 12.66 2.21 -16.65
C ARG A 1193 11.80 3.03 -15.69
N MET A 1194 12.30 3.30 -14.49
CA MET A 1194 11.54 4.12 -13.56
C MET A 1194 11.35 5.53 -14.10
N LEU A 1195 12.39 6.11 -14.70
CA LEU A 1195 12.25 7.44 -15.28
C LEU A 1195 11.21 7.43 -16.40
N GLU A 1196 11.24 6.39 -17.24
CA GLU A 1196 10.26 6.29 -18.32
C GLU A 1196 8.84 6.19 -17.77
N LEU A 1197 8.62 5.31 -16.78
CA LEU A 1197 7.28 5.11 -16.26
C LEU A 1197 6.78 6.36 -15.54
N THR A 1198 7.64 7.03 -14.77
CA THR A 1198 7.20 8.24 -14.09
C THR A 1198 6.92 9.35 -15.08
N ASP A 1199 7.68 9.42 -16.18
CA ASP A 1199 7.35 10.40 -17.23
C ASP A 1199 5.98 10.11 -17.82
N THR A 1200 5.67 8.84 -18.10
CA THR A 1200 4.36 8.51 -18.65
C THR A 1200 3.24 8.89 -17.69
N ASN A 1201 3.40 8.53 -16.41
CA ASN A 1201 2.38 8.86 -15.42
C ASN A 1201 2.22 10.36 -15.29
N ASN A 1202 3.33 11.11 -15.38
CA ASN A 1202 3.25 12.56 -15.27
C ASN A 1202 2.56 13.17 -16.48
N ILE A 1203 2.80 12.62 -17.68
CA ILE A 1203 2.06 13.09 -18.85
C ILE A 1203 0.56 12.90 -18.63
N ALA A 1204 0.18 11.70 -18.17
CA ALA A 1204 -1.25 11.41 -17.98
C ALA A 1204 -1.85 12.35 -16.95
N TYR A 1205 -1.17 12.54 -15.82
CA TYR A 1205 -1.70 13.42 -14.78
C TYR A 1205 -1.74 14.88 -15.24
N LEU A 1206 -0.76 15.29 -16.04
CA LEU A 1206 -0.76 16.65 -16.56
C LEU A 1206 -1.98 16.88 -17.47
N PHE A 1207 -2.29 15.90 -18.32
CA PHE A 1207 -3.48 16.05 -19.16
C PHE A 1207 -4.76 16.06 -18.31
N LEU A 1208 -4.81 15.23 -17.26
CA LEU A 1208 -5.97 15.25 -16.37
C LEU A 1208 -6.15 16.63 -15.74
N SER A 1209 -5.05 17.20 -15.24
CA SER A 1209 -5.11 18.53 -14.63
C SER A 1209 -5.48 19.59 -15.66
N ALA A 1210 -5.02 19.44 -16.91
CA ALA A 1210 -5.37 20.39 -17.95
C ALA A 1210 -6.87 20.36 -18.24
N ALA A 1211 -7.46 19.16 -18.28
CA ALA A 1211 -8.91 19.08 -18.46
C ALA A 1211 -9.65 19.75 -17.29
N ASN A 1212 -9.18 19.50 -16.07
CA ASN A 1212 -9.79 20.15 -14.92
C ASN A 1212 -9.70 21.67 -15.03
N ARG A 1213 -8.55 22.18 -15.46
CA ARG A 1213 -8.41 23.62 -15.61
C ARG A 1213 -9.30 24.16 -16.72
N TRP A 1214 -9.48 23.40 -17.80
CA TRP A 1214 -10.42 23.82 -18.83
C TRP A 1214 -11.81 24.03 -18.24
N LEU A 1215 -12.31 23.03 -17.51
CA LEU A 1215 -13.65 23.18 -16.95
C LEU A 1215 -13.70 24.33 -15.96
N GLU A 1216 -12.67 24.48 -15.13
CA GLU A 1216 -12.68 25.55 -14.14
C GLU A 1216 -12.69 26.92 -14.80
N VAL A 1217 -11.91 27.10 -15.87
CA VAL A 1217 -11.92 28.37 -16.59
C VAL A 1217 -13.29 28.64 -17.18
N ARG A 1218 -13.90 27.63 -17.80
CA ARG A 1218 -15.21 27.83 -18.41
C ARG A 1218 -16.25 28.22 -17.36
N THR A 1219 -16.23 27.56 -16.20
CA THR A 1219 -17.20 27.88 -15.16
C THR A 1219 -16.91 29.24 -14.53
N ASP A 1220 -15.65 29.65 -14.45
CA ASP A 1220 -15.34 30.98 -13.93
C ASP A 1220 -15.86 32.06 -14.87
N TYR A 1221 -15.72 31.88 -16.18
CA TYR A 1221 -16.28 32.85 -17.11
C TYR A 1221 -17.82 32.83 -17.09
N LEU A 1222 -18.41 31.64 -16.93
CA LEU A 1222 -19.86 31.57 -16.76
C LEU A 1222 -20.30 32.33 -15.50
N GLY A 1223 -19.54 32.21 -14.42
CA GLY A 1223 -19.86 32.95 -13.20
C GLY A 1223 -19.71 34.44 -13.37
N ALA A 1224 -18.69 34.89 -14.12
CA ALA A 1224 -18.57 36.30 -14.44
C ALA A 1224 -19.77 36.80 -15.23
N CYS A 1225 -20.24 36.00 -16.19
CA CYS A 1225 -21.45 36.38 -16.92
C CYS A 1225 -22.66 36.42 -15.99
N ILE A 1226 -22.76 35.48 -15.06
CA ILE A 1226 -23.84 35.51 -14.08
C ILE A 1226 -23.79 36.82 -13.29
N VAL A 1227 -22.60 37.21 -12.85
CA VAL A 1227 -22.46 38.46 -12.11
C VAL A 1227 -22.92 39.64 -12.95
N LEU A 1228 -22.53 39.66 -14.24
CA LEU A 1228 -22.90 40.78 -15.09
C LEU A 1228 -24.41 40.85 -15.29
N THR A 1229 -25.05 39.72 -15.57
CA THR A 1229 -26.50 39.72 -15.77
C THR A 1229 -27.22 40.13 -14.50
N ALA A 1230 -26.80 39.59 -13.34
CA ALA A 1230 -27.42 39.98 -12.08
C ALA A 1230 -27.24 41.47 -11.82
N SER A 1231 -26.05 41.99 -12.11
CA SER A 1231 -25.80 43.42 -11.90
C SER A 1231 -26.73 44.28 -12.74
N ILE A 1232 -26.84 43.96 -14.03
CA ILE A 1232 -27.71 44.75 -14.91
C ILE A 1232 -29.16 44.64 -14.46
N ALA A 1233 -29.60 43.43 -14.15
CA ALA A 1233 -30.99 43.23 -13.75
C ALA A 1233 -31.30 44.00 -12.47
N SER A 1234 -30.38 43.98 -11.49
CA SER A 1234 -30.62 44.72 -10.26
C SER A 1234 -30.61 46.22 -10.49
N ILE A 1235 -29.65 46.72 -11.27
CA ILE A 1235 -29.59 48.15 -11.53
C ILE A 1235 -30.88 48.63 -12.17
N SER A 1236 -31.42 47.87 -13.12
CA SER A 1236 -32.53 48.38 -13.93
C SER A 1236 -33.91 48.01 -13.40
N GLY A 1237 -34.04 46.94 -12.63
CA GLY A 1237 -35.37 46.43 -12.30
C GLY A 1237 -35.59 45.96 -10.87
N SER A 1238 -34.91 46.58 -9.90
CA SER A 1238 -35.10 46.25 -8.50
C SER A 1238 -35.91 47.36 -7.82
N SER A 1239 -36.67 46.96 -6.79
CA SER A 1239 -37.59 47.89 -6.13
C SER A 1239 -36.84 48.87 -5.22
N ASN A 1240 -36.18 48.35 -4.20
CA ASN A 1240 -35.57 49.18 -3.16
C ASN A 1240 -34.10 49.44 -3.44
N SER A 1241 -33.56 50.44 -2.76
CA SER A 1241 -32.14 50.76 -2.86
C SER A 1241 -31.27 49.83 -2.04
N GLY A 1242 -31.87 48.94 -1.25
CA GLY A 1242 -31.11 47.96 -0.50
C GLY A 1242 -31.05 46.61 -1.21
N LEU A 1243 -32.07 46.31 -2.00
CA LEU A 1243 -32.10 45.03 -2.70
C LEU A 1243 -31.12 45.01 -3.86
N VAL A 1244 -30.85 46.16 -4.49
CA VAL A 1244 -29.79 46.23 -5.50
C VAL A 1244 -28.48 45.72 -4.90
N GLY A 1245 -28.16 46.19 -3.69
CA GLY A 1245 -26.92 45.78 -3.06
C GLY A 1245 -26.86 44.29 -2.75
N LEU A 1246 -27.96 43.74 -2.23
CA LEU A 1246 -27.99 42.31 -1.91
C LEU A 1246 -27.83 41.48 -3.18
N GLY A 1247 -28.57 41.83 -4.24
CA GLY A 1247 -28.41 41.12 -5.50
C GLY A 1247 -26.98 41.16 -5.99
N LEU A 1248 -26.35 42.34 -5.94
CA LEU A 1248 -24.99 42.45 -6.44
C LEU A 1248 -24.02 41.59 -5.62
N LEU A 1249 -24.02 41.76 -4.29
CA LEU A 1249 -23.01 41.06 -3.50
C LEU A 1249 -23.25 39.54 -3.52
N TYR A 1250 -24.49 39.10 -3.67
CA TYR A 1250 -24.68 37.65 -3.79
C TYR A 1250 -24.34 37.13 -5.18
N ALA A 1251 -24.42 37.96 -6.22
CA ALA A 1251 -23.84 37.57 -7.50
C ALA A 1251 -22.33 37.36 -7.36
N LEU A 1252 -21.66 38.28 -6.66
CA LEU A 1252 -20.24 38.09 -6.38
C LEU A 1252 -19.99 36.76 -5.66
N THR A 1253 -20.85 36.44 -4.68
CA THR A 1253 -20.73 35.17 -3.97
C THR A 1253 -20.87 33.98 -4.93
N ILE A 1254 -21.82 34.06 -5.86
CA ILE A 1254 -21.99 33.00 -6.84
C ILE A 1254 -20.67 32.74 -7.55
N THR A 1255 -20.04 33.81 -8.06
CA THR A 1255 -18.79 33.62 -8.77
C THR A 1255 -17.73 33.03 -7.84
N ASN A 1256 -17.71 33.46 -6.58
CA ASN A 1256 -16.66 33.03 -5.67
C ASN A 1256 -16.73 31.53 -5.40
N TYR A 1257 -17.93 30.96 -5.30
CA TYR A 1257 -18.04 29.57 -4.82
C TYR A 1257 -18.50 28.55 -5.86
N LEU A 1258 -18.95 28.97 -7.05
CA LEU A 1258 -19.33 27.99 -8.07
C LEU A 1258 -18.13 27.14 -8.50
N ASN A 1259 -16.97 27.76 -8.62
CA ASN A 1259 -15.75 27.04 -8.97
C ASN A 1259 -15.50 25.88 -8.01
N TRP A 1260 -15.62 26.16 -6.71
CA TRP A 1260 -15.41 25.12 -5.71
C TRP A 1260 -16.48 24.04 -5.81
N VAL A 1261 -17.73 24.42 -6.08
CA VAL A 1261 -18.76 23.40 -6.28
C VAL A 1261 -18.31 22.41 -7.36
N VAL A 1262 -17.88 22.94 -8.50
CA VAL A 1262 -17.53 22.08 -9.64
C VAL A 1262 -16.34 21.18 -9.28
N ARG A 1263 -15.27 21.78 -8.76
CA ARG A 1263 -14.07 21.02 -8.46
C ARG A 1263 -14.37 19.90 -7.48
N ASN A 1264 -15.07 20.21 -6.39
CA ASN A 1264 -15.33 19.21 -5.37
C ASN A 1264 -16.29 18.13 -5.86
N LEU A 1265 -17.24 18.47 -6.74
CA LEU A 1265 -18.10 17.43 -7.30
C LEU A 1265 -17.28 16.43 -8.12
N ALA A 1266 -16.34 16.93 -8.93
CA ALA A 1266 -15.49 16.03 -9.71
C ALA A 1266 -14.68 15.12 -8.78
N ASP A 1267 -14.06 15.70 -7.76
CA ASP A 1267 -13.26 14.88 -6.84
C ASP A 1267 -14.12 13.85 -6.13
N LEU A 1268 -15.31 14.24 -5.70
CA LEU A 1268 -16.18 13.30 -4.99
C LEU A 1268 -16.61 12.16 -5.91
N GLU A 1269 -16.83 12.43 -7.20
CA GLU A 1269 -17.11 11.33 -8.12
C GLU A 1269 -15.94 10.35 -8.18
N VAL A 1270 -14.72 10.89 -8.34
CA VAL A 1270 -13.58 9.99 -8.47
C VAL A 1270 -13.38 9.17 -7.20
N GLN A 1271 -13.80 9.69 -6.04
CA GLN A 1271 -13.64 8.95 -4.79
C GLN A 1271 -14.78 7.96 -4.53
N MET A 1272 -16.01 8.32 -4.89
CA MET A 1272 -17.08 7.34 -4.85
C MET A 1272 -16.75 6.15 -5.74
N GLY A 1273 -15.91 6.36 -6.76
CA GLY A 1273 -15.37 5.22 -7.49
C GLY A 1273 -14.64 4.25 -6.57
N ALA A 1274 -13.81 4.76 -5.66
CA ALA A 1274 -13.10 3.90 -4.73
C ALA A 1274 -14.06 3.22 -3.75
N VAL A 1275 -15.07 3.95 -3.30
CA VAL A 1275 -16.07 3.31 -2.44
C VAL A 1275 -16.74 2.16 -3.18
N LYS A 1276 -17.00 2.33 -4.48
CA LYS A 1276 -17.55 1.25 -5.29
C LYS A 1276 -16.60 0.07 -5.33
N LYS A 1277 -15.30 0.33 -5.50
CA LYS A 1277 -14.33 -0.75 -5.51
C LYS A 1277 -14.35 -1.54 -4.21
N VAL A 1278 -14.44 -0.84 -3.08
CA VAL A 1278 -14.47 -1.53 -1.79
C VAL A 1278 -15.76 -2.31 -1.63
N ASN A 1279 -16.90 -1.74 -2.06
CA ASN A 1279 -18.17 -2.43 -1.92
C ASN A 1279 -18.27 -3.66 -2.83
N SER A 1280 -17.49 -3.70 -3.91
CA SER A 1280 -17.63 -4.80 -4.86
C SER A 1280 -17.36 -6.16 -4.25
N PHE A 1281 -16.65 -6.22 -3.12
CA PHE A 1281 -16.25 -7.49 -2.52
C PHE A 1281 -17.27 -8.07 -1.57
N LEU A 1282 -18.41 -7.40 -1.36
CA LEU A 1282 -19.49 -7.97 -0.55
C LEU A 1282 -20.36 -8.95 -1.33
N THR A 1283 -19.92 -9.34 -2.53
CA THR A 1283 -20.62 -10.33 -3.34
C THR A 1283 -19.69 -11.50 -3.63
N MET A 1284 -18.86 -11.87 -2.66
CA MET A 1284 -17.95 -13.00 -2.80
C MET A 1284 -18.64 -14.29 -2.37
N GLU A 1285 -18.12 -15.40 -2.87
CA GLU A 1285 -18.47 -16.70 -2.32
C GLU A 1285 -17.88 -16.82 -0.92
N SER A 1286 -18.65 -17.37 0.00
CA SER A 1286 -18.22 -17.57 1.38
C SER A 1286 -18.14 -19.07 1.65
N GLU A 1287 -16.98 -19.54 2.10
CA GLU A 1287 -16.80 -20.94 2.41
C GLU A 1287 -17.83 -21.38 3.45
N ASN A 1288 -18.37 -22.58 3.27
CA ASN A 1288 -19.48 -23.07 4.08
C ASN A 1288 -18.93 -23.61 5.40
N TYR A 1289 -18.90 -22.76 6.43
CA TYR A 1289 -18.48 -23.18 7.75
C TYR A 1289 -19.61 -23.82 8.56
N GLU A 1290 -20.85 -23.75 8.08
CA GLU A 1290 -21.99 -24.13 8.92
C GLU A 1290 -21.92 -25.60 9.34
N GLY A 1291 -21.76 -26.49 8.38
CA GLY A 1291 -21.77 -27.91 8.68
C GLY A 1291 -23.18 -28.45 8.86
N THR A 1292 -23.31 -29.76 8.71
CA THR A 1292 -24.59 -30.44 8.81
C THR A 1292 -24.67 -31.45 9.95
N MET A 1293 -23.56 -32.06 10.34
CA MET A 1293 -23.58 -33.00 11.45
C MET A 1293 -23.93 -32.27 12.74
N ASP A 1294 -24.88 -32.81 13.49
CA ASP A 1294 -25.29 -32.18 14.74
C ASP A 1294 -24.12 -32.17 15.71
N PRO A 1295 -23.78 -31.01 16.30
CA PRO A 1295 -22.64 -30.97 17.23
C PRO A 1295 -22.76 -31.93 18.40
N SER A 1296 -23.95 -32.49 18.65
CA SER A 1296 -24.09 -33.47 19.73
C SER A 1296 -23.40 -34.78 19.41
N GLN A 1297 -23.40 -35.19 18.14
CA GLN A 1297 -22.79 -36.46 17.77
C GLN A 1297 -21.27 -36.40 17.84
N VAL A 1298 -20.68 -35.25 17.54
CA VAL A 1298 -19.22 -35.10 17.52
C VAL A 1298 -18.69 -35.28 18.94
N PRO A 1299 -17.77 -36.23 19.17
CA PRO A 1299 -17.22 -36.39 20.53
C PRO A 1299 -16.34 -35.20 20.92
N GLU A 1300 -15.97 -35.19 22.20
CA GLU A 1300 -15.09 -34.12 22.70
C GLU A 1300 -13.65 -34.31 22.23
N HIS A 1301 -13.27 -35.55 21.87
CA HIS A 1301 -11.95 -35.84 21.30
C HIS A 1301 -12.23 -36.64 20.02
N TRP A 1302 -12.49 -35.92 18.93
CA TRP A 1302 -12.97 -36.59 17.72
C TRP A 1302 -11.88 -37.43 17.06
N PRO A 1303 -10.65 -36.92 16.80
CA PRO A 1303 -9.57 -37.77 16.27
C PRO A 1303 -8.89 -38.59 17.36
N GLN A 1304 -9.70 -39.23 18.21
CA GLN A 1304 -9.16 -39.90 19.39
C GLN A 1304 -8.26 -41.06 19.01
N GLU A 1305 -8.49 -41.69 17.85
CA GLU A 1305 -7.71 -42.83 17.39
C GLU A 1305 -6.78 -42.48 16.24
N GLY A 1306 -7.30 -41.84 15.19
CA GLY A 1306 -6.50 -41.44 14.07
C GLY A 1306 -6.45 -42.45 12.95
N GLU A 1307 -7.57 -43.12 12.68
CA GLU A 1307 -7.69 -44.07 11.59
C GLU A 1307 -8.49 -43.42 10.48
N ILE A 1308 -7.89 -43.30 9.30
CA ILE A 1308 -8.53 -42.62 8.17
C ILE A 1308 -8.90 -43.65 7.12
N LYS A 1309 -10.12 -43.54 6.60
CA LYS A 1309 -10.57 -44.35 5.47
C LYS A 1309 -11.00 -43.40 4.36
N ILE A 1310 -10.33 -43.50 3.21
CA ILE A 1310 -10.64 -42.68 2.04
C ILE A 1310 -11.25 -43.62 1.01
N HIS A 1311 -12.52 -43.38 0.67
CA HIS A 1311 -13.27 -44.22 -0.25
C HIS A 1311 -13.62 -43.41 -1.49
N ASP A 1312 -13.07 -43.81 -2.63
CA ASP A 1312 -13.41 -43.27 -3.94
C ASP A 1312 -13.39 -41.74 -3.94
N LEU A 1313 -12.21 -41.19 -3.67
CA LEU A 1313 -12.03 -39.74 -3.59
C LEU A 1313 -11.59 -39.20 -4.95
N CYS A 1314 -12.38 -38.29 -5.51
CA CYS A 1314 -12.06 -37.59 -6.75
C CYS A 1314 -12.10 -36.10 -6.44
N VAL A 1315 -10.99 -35.41 -6.67
CA VAL A 1315 -10.83 -34.02 -6.25
C VAL A 1315 -10.51 -33.16 -7.46
N ARG A 1316 -11.10 -31.97 -7.51
CA ARG A 1316 -10.77 -30.94 -8.48
C ARG A 1316 -10.76 -29.60 -7.75
N TYR A 1317 -10.10 -28.62 -8.36
CA TYR A 1317 -9.96 -27.31 -7.74
C TYR A 1317 -11.10 -26.36 -8.13
N GLU A 1318 -11.43 -26.31 -9.41
CA GLU A 1318 -12.58 -25.55 -9.89
C GLU A 1318 -13.44 -26.46 -10.77
N ASN A 1319 -14.72 -26.14 -10.86
CA ASN A 1319 -15.61 -26.93 -11.70
C ASN A 1319 -15.18 -26.82 -13.15
N ASN A 1320 -15.37 -27.93 -13.89
CA ASN A 1320 -14.95 -28.02 -15.28
C ASN A 1320 -13.43 -27.92 -15.43
N LEU A 1321 -12.70 -28.44 -14.45
CA LEU A 1321 -11.25 -28.60 -14.54
C LEU A 1321 -10.91 -30.07 -14.38
N LYS A 1322 -9.67 -30.41 -14.68
CA LYS A 1322 -9.24 -31.81 -14.67
C LYS A 1322 -9.32 -32.35 -13.24
N PRO A 1323 -9.91 -33.54 -13.04
CA PRO A 1323 -9.85 -34.15 -11.70
C PRO A 1323 -8.43 -34.56 -11.35
N VAL A 1324 -7.82 -33.85 -10.39
CA VAL A 1324 -6.43 -34.12 -10.06
C VAL A 1324 -6.28 -35.47 -9.38
N LEU A 1325 -7.24 -35.84 -8.53
CA LEU A 1325 -7.29 -37.15 -7.89
C LEU A 1325 -8.36 -37.99 -8.54
N LYS A 1326 -8.08 -39.27 -8.70
CA LYS A 1326 -8.95 -40.18 -9.46
C LYS A 1326 -9.14 -41.48 -8.69
N HIS A 1327 -10.27 -41.59 -7.99
CA HIS A 1327 -10.71 -42.85 -7.39
C HIS A 1327 -9.64 -43.45 -6.48
N VAL A 1328 -8.99 -42.60 -5.68
CA VAL A 1328 -8.03 -43.10 -4.71
C VAL A 1328 -8.77 -43.74 -3.53
N LYS A 1329 -8.29 -44.90 -3.11
CA LYS A 1329 -8.87 -45.61 -1.97
C LYS A 1329 -7.74 -45.95 -1.01
N ALA A 1330 -7.83 -45.43 0.22
CA ALA A 1330 -6.78 -45.61 1.21
C ALA A 1330 -7.38 -46.03 2.55
N TYR A 1331 -6.58 -46.74 3.34
CA TYR A 1331 -7.00 -47.17 4.67
C TYR A 1331 -5.77 -47.13 5.57
N ILE A 1332 -5.66 -46.10 6.41
CA ILE A 1332 -4.55 -45.98 7.34
C ILE A 1332 -5.08 -46.29 8.74
N LYS A 1333 -4.46 -47.28 9.38
CA LYS A 1333 -4.84 -47.71 10.71
C LYS A 1333 -4.55 -46.62 11.73
N PRO A 1334 -5.23 -46.65 12.87
CA PRO A 1334 -4.88 -45.71 13.95
C PRO A 1334 -3.46 -45.96 14.43
N GLY A 1335 -2.72 -44.88 14.66
CA GLY A 1335 -1.33 -44.98 15.05
C GLY A 1335 -0.47 -45.64 13.99
N GLN A 1336 -0.61 -45.19 12.75
CA GLN A 1336 0.09 -45.79 11.61
C GLN A 1336 0.94 -44.73 10.92
N LYS A 1337 2.15 -45.11 10.53
CA LYS A 1337 3.08 -44.23 9.83
C LYS A 1337 2.97 -44.51 8.34
N VAL A 1338 2.54 -43.49 7.58
CA VAL A 1338 2.29 -43.61 6.15
C VAL A 1338 3.16 -42.60 5.42
N GLY A 1339 3.91 -43.07 4.42
CA GLY A 1339 4.72 -42.21 3.59
C GLY A 1339 4.24 -42.18 2.16
N ILE A 1340 3.88 -41.00 1.66
CA ILE A 1340 3.36 -40.83 0.31
C ILE A 1340 4.44 -40.15 -0.53
N CYS A 1341 4.77 -40.76 -1.67
CA CYS A 1341 5.81 -40.26 -2.56
C CYS A 1341 5.27 -40.19 -3.98
N GLY A 1342 6.04 -39.56 -4.84
CA GLY A 1342 5.67 -39.41 -6.24
C GLY A 1342 6.39 -38.24 -6.87
N ARG A 1343 6.13 -38.07 -8.16
CA ARG A 1343 6.71 -36.98 -8.93
C ARG A 1343 5.84 -35.73 -8.83
N THR A 1344 6.47 -34.57 -9.01
CA THR A 1344 5.74 -33.32 -8.99
C THR A 1344 4.59 -33.37 -9.99
N GLY A 1345 3.41 -32.96 -9.56
CA GLY A 1345 2.23 -33.09 -10.37
C GLY A 1345 1.55 -34.44 -10.27
N SER A 1346 1.64 -35.09 -9.11
CA SER A 1346 1.03 -36.39 -8.90
C SER A 1346 -0.08 -36.36 -7.85
N GLY A 1347 -0.46 -35.18 -7.36
CA GLY A 1347 -1.59 -35.08 -6.47
C GLY A 1347 -1.33 -35.41 -5.02
N LYS A 1348 -0.06 -35.42 -4.59
CA LYS A 1348 0.23 -35.60 -3.17
C LYS A 1348 -0.37 -34.46 -2.33
N SER A 1349 -0.11 -33.22 -2.74
CA SER A 1349 -0.62 -32.07 -2.00
C SER A 1349 -2.14 -31.97 -2.09
N SER A 1350 -2.72 -32.37 -3.21
CA SER A 1350 -4.18 -32.40 -3.31
C SER A 1350 -4.76 -33.38 -2.30
N LEU A 1351 -4.18 -34.57 -2.22
CA LEU A 1351 -4.64 -35.55 -1.24
C LEU A 1351 -4.46 -35.04 0.17
N SER A 1352 -3.41 -34.24 0.43
CA SER A 1352 -3.23 -33.67 1.75
C SER A 1352 -4.32 -32.66 2.07
N LEU A 1353 -4.52 -31.68 1.19
CA LEU A 1353 -5.51 -30.64 1.41
C LEU A 1353 -6.93 -31.16 1.35
N ALA A 1354 -7.13 -32.40 0.89
CA ALA A 1354 -8.47 -32.99 0.94
C ALA A 1354 -8.98 -33.12 2.37
N PHE A 1355 -8.11 -33.53 3.30
CA PHE A 1355 -8.54 -33.74 4.67
C PHE A 1355 -9.11 -32.47 5.29
N PHE A 1356 -8.61 -31.31 4.88
CA PHE A 1356 -9.05 -30.03 5.40
C PHE A 1356 -10.09 -29.37 4.51
N ARG A 1357 -10.58 -30.07 3.48
CA ARG A 1357 -11.61 -29.57 2.59
C ARG A 1357 -11.24 -28.21 2.00
N MET A 1358 -9.99 -28.07 1.62
CA MET A 1358 -9.55 -26.93 0.81
C MET A 1358 -9.59 -27.22 -0.68
N VAL A 1359 -9.91 -28.46 -1.06
CA VAL A 1359 -10.12 -28.84 -2.45
C VAL A 1359 -11.54 -29.40 -2.56
N ASP A 1360 -12.24 -29.03 -3.63
CA ASP A 1360 -13.65 -29.39 -3.77
C ASP A 1360 -13.76 -30.83 -4.24
N ILE A 1361 -14.55 -31.62 -3.51
CA ILE A 1361 -14.68 -33.05 -3.77
C ILE A 1361 -15.88 -33.28 -4.70
N PHE A 1362 -15.66 -34.06 -5.76
CA PHE A 1362 -16.77 -34.50 -6.59
C PHE A 1362 -17.46 -35.70 -5.96
N ASP A 1363 -16.72 -36.78 -5.73
CA ASP A 1363 -17.22 -37.97 -5.06
C ASP A 1363 -16.16 -38.44 -4.07
N GLY A 1364 -16.60 -39.12 -3.02
CA GLY A 1364 -15.67 -39.71 -2.07
C GLY A 1364 -15.99 -39.42 -0.62
N LYS A 1365 -15.64 -40.37 0.24
CA LYS A 1365 -15.89 -40.25 1.68
C LYS A 1365 -14.56 -40.36 2.41
N ILE A 1366 -14.21 -39.31 3.16
CA ILE A 1366 -13.04 -39.32 4.03
C ILE A 1366 -13.55 -39.44 5.46
N VAL A 1367 -13.39 -40.63 6.05
CA VAL A 1367 -13.91 -40.92 7.38
C VAL A 1367 -12.72 -40.95 8.32
N ILE A 1368 -12.67 -40.00 9.25
CA ILE A 1368 -11.63 -39.91 10.27
C ILE A 1368 -12.30 -40.28 11.59
N ASP A 1369 -12.04 -41.49 12.07
CA ASP A 1369 -12.57 -41.96 13.35
C ASP A 1369 -14.09 -42.07 13.31
N GLY A 1370 -14.63 -42.46 12.16
CA GLY A 1370 -16.04 -42.75 12.03
C GLY A 1370 -16.94 -41.59 11.68
N ILE A 1371 -16.38 -40.44 11.32
CA ILE A 1371 -17.16 -39.27 10.91
C ILE A 1371 -16.70 -38.85 9.53
N ASP A 1372 -17.65 -38.74 8.60
CA ASP A 1372 -17.38 -38.14 7.30
C ASP A 1372 -17.04 -36.66 7.50
N ILE A 1373 -15.83 -36.25 7.08
CA ILE A 1373 -15.40 -34.89 7.32
C ILE A 1373 -16.28 -33.88 6.60
N SER A 1374 -17.04 -34.32 5.59
CA SER A 1374 -17.89 -33.41 4.85
C SER A 1374 -19.03 -32.85 5.68
N LYS A 1375 -19.42 -33.53 6.76
CA LYS A 1375 -20.52 -33.08 7.59
C LYS A 1375 -20.09 -32.09 8.67
N LEU A 1376 -18.88 -32.25 9.21
CA LEU A 1376 -18.46 -31.44 10.34
C LEU A 1376 -18.36 -29.97 9.96
N PRO A 1377 -18.51 -29.06 10.93
CA PRO A 1377 -18.13 -27.67 10.68
C PRO A 1377 -16.68 -27.61 10.24
N LEU A 1378 -16.36 -26.59 9.44
CA LEU A 1378 -15.01 -26.47 8.91
C LEU A 1378 -13.99 -26.34 10.04
N HIS A 1379 -14.35 -25.63 11.11
CA HIS A 1379 -13.37 -25.33 12.14
C HIS A 1379 -13.06 -26.55 13.00
N THR A 1380 -14.08 -27.32 13.40
CA THR A 1380 -13.79 -28.51 14.19
C THR A 1380 -12.95 -29.52 13.42
N LEU A 1381 -12.93 -29.42 12.08
CA LEU A 1381 -12.11 -30.28 11.24
C LEU A 1381 -10.71 -29.72 11.04
N ARG A 1382 -10.60 -28.42 10.81
CA ARG A 1382 -9.32 -27.79 10.51
C ARG A 1382 -8.53 -27.44 11.76
N SER A 1383 -9.12 -27.55 12.94
CA SER A 1383 -8.40 -27.30 14.19
C SER A 1383 -7.91 -28.57 14.86
N ARG A 1384 -8.56 -29.70 14.62
CA ARG A 1384 -8.17 -30.95 15.26
C ARG A 1384 -7.23 -31.79 14.40
N LEU A 1385 -6.80 -31.29 13.25
CA LEU A 1385 -5.80 -31.93 12.41
C LEU A 1385 -4.68 -30.93 12.13
N SER A 1386 -3.44 -31.40 12.17
CA SER A 1386 -2.26 -30.56 12.00
C SER A 1386 -1.54 -30.93 10.72
N ILE A 1387 -1.21 -29.92 9.91
CA ILE A 1387 -0.52 -30.11 8.64
C ILE A 1387 0.66 -29.14 8.59
N ILE A 1388 1.82 -29.66 8.19
CA ILE A 1388 3.00 -28.84 7.96
C ILE A 1388 3.13 -28.67 6.44
N LEU A 1389 2.96 -27.45 5.96
CA LEU A 1389 3.03 -27.19 4.53
C LEU A 1389 4.49 -27.14 4.07
N GLN A 1390 4.68 -27.02 2.76
CA GLN A 1390 6.00 -26.97 2.16
C GLN A 1390 6.56 -25.56 2.15
N ASP A 1391 5.72 -24.56 1.90
CA ASP A 1391 6.17 -23.17 1.90
C ASP A 1391 6.18 -22.64 3.33
N PRO A 1392 7.32 -22.17 3.86
CA PRO A 1392 7.35 -21.68 5.24
C PRO A 1392 6.74 -20.30 5.43
N ILE A 1393 5.42 -20.23 5.61
CA ILE A 1393 4.75 -18.98 5.93
C ILE A 1393 4.99 -18.64 7.40
N LEU A 1394 5.40 -17.41 7.67
CA LEU A 1394 5.77 -16.98 9.02
C LEU A 1394 5.35 -15.53 9.22
N PHE A 1395 4.74 -15.26 10.37
CA PHE A 1395 4.18 -13.95 10.68
C PHE A 1395 5.13 -13.15 11.58
N SER A 1396 4.93 -11.83 11.56
CA SER A 1396 5.74 -10.95 12.38
C SER A 1396 5.28 -10.98 13.83
N GLY A 1397 6.22 -10.76 14.75
CA GLY A 1397 5.99 -10.78 16.17
C GLY A 1397 7.05 -11.61 16.86
N SER A 1398 6.71 -12.10 18.05
CA SER A 1398 7.64 -12.93 18.80
C SER A 1398 7.64 -14.36 18.28
N ILE A 1399 8.53 -15.18 18.84
CA ILE A 1399 8.48 -16.61 18.58
C ILE A 1399 7.20 -17.19 19.15
N ARG A 1400 6.81 -16.73 20.34
CA ARG A 1400 5.55 -17.19 20.94
C ARG A 1400 4.38 -16.91 20.02
N PHE A 1401 4.29 -15.70 19.49
CA PHE A 1401 3.15 -15.37 18.63
C PHE A 1401 3.06 -16.28 17.43
N ASN A 1402 4.19 -16.77 16.93
CA ASN A 1402 4.19 -17.70 15.81
C ASN A 1402 3.93 -19.14 16.24
N LEU A 1403 4.20 -19.48 17.50
CA LEU A 1403 3.93 -20.84 17.96
C LEU A 1403 2.53 -21.01 18.52
N ASP A 1404 1.92 -19.97 19.07
CA ASP A 1404 0.53 -20.04 19.51
C ASP A 1404 -0.05 -18.63 19.57
N PRO A 1405 -0.67 -18.16 18.49
CA PRO A 1405 -1.24 -16.80 18.51
C PRO A 1405 -2.28 -16.60 19.60
N GLU A 1406 -2.93 -17.66 20.08
CA GLU A 1406 -3.94 -17.52 21.12
C GLU A 1406 -3.33 -17.33 22.50
N CYS A 1407 -2.06 -17.65 22.68
CA CYS A 1407 -1.40 -17.59 24.00
C CYS A 1407 -2.06 -18.53 24.99
N LYS A 1408 -2.47 -19.71 24.51
CA LYS A 1408 -3.11 -20.73 25.32
C LYS A 1408 -2.14 -21.84 25.71
N CYS A 1409 -0.83 -21.62 25.55
CA CYS A 1409 0.16 -22.66 25.76
C CYS A 1409 1.22 -22.19 26.74
N THR A 1410 1.60 -23.08 27.66
CA THR A 1410 2.66 -22.78 28.61
C THR A 1410 4.02 -22.81 27.92
N ASP A 1411 4.98 -22.11 28.52
CA ASP A 1411 6.33 -22.07 27.96
C ASP A 1411 6.95 -23.46 27.88
N ASP A 1412 6.57 -24.36 28.79
CA ASP A 1412 7.17 -25.68 28.82
C ASP A 1412 6.91 -26.44 27.52
N ARG A 1413 5.67 -26.41 27.03
CA ARG A 1413 5.36 -27.12 25.80
C ARG A 1413 5.95 -26.42 24.59
N LEU A 1414 6.07 -25.09 24.62
CA LEU A 1414 6.80 -24.39 23.56
C LEU A 1414 8.24 -24.88 23.48
N TRP A 1415 8.88 -25.07 24.63
CA TRP A 1415 10.25 -25.59 24.64
C TRP A 1415 10.30 -27.04 24.16
N GLU A 1416 9.31 -27.85 24.53
CA GLU A 1416 9.26 -29.21 24.01
C GLU A 1416 9.20 -29.20 22.48
N ALA A 1417 8.30 -28.39 21.93
CA ALA A 1417 8.16 -28.30 20.48
C ALA A 1417 9.45 -27.83 19.82
N LEU A 1418 10.02 -26.73 20.31
CA LEU A 1418 11.25 -26.22 19.72
C LEU A 1418 12.43 -27.17 19.92
N GLU A 1419 12.35 -28.08 20.88
CA GLU A 1419 13.37 -29.12 21.01
C GLU A 1419 13.20 -30.19 19.95
N ILE A 1420 11.95 -30.60 19.68
CA ILE A 1420 11.72 -31.57 18.62
C ILE A 1420 12.16 -31.00 17.27
N ALA A 1421 11.84 -29.72 17.03
CA ALA A 1421 12.15 -29.08 15.76
C ALA A 1421 13.60 -28.66 15.62
N GLN A 1422 14.45 -29.00 16.59
CA GLN A 1422 15.90 -28.76 16.50
C GLN A 1422 16.26 -27.28 16.51
N LEU A 1423 15.45 -26.45 17.18
CA LEU A 1423 15.71 -25.01 17.27
C LEU A 1423 15.85 -24.55 18.72
N LYS A 1424 16.03 -25.47 19.67
CA LYS A 1424 16.09 -25.05 21.06
C LYS A 1424 17.33 -24.21 21.33
N ASN A 1425 18.50 -24.64 20.82
CA ASN A 1425 19.74 -23.92 21.11
C ASN A 1425 19.74 -22.54 20.47
N MET A 1426 19.32 -22.45 19.20
CA MET A 1426 19.33 -21.17 18.52
C MET A 1426 18.45 -20.16 19.24
N VAL A 1427 17.33 -20.61 19.80
CA VAL A 1427 16.43 -19.70 20.51
C VAL A 1427 16.97 -19.38 21.90
N LYS A 1428 17.58 -20.36 22.57
CA LYS A 1428 18.20 -20.09 23.86
C LYS A 1428 19.27 -19.02 23.73
N SER A 1429 20.08 -19.08 22.67
CA SER A 1429 21.14 -18.11 22.48
C SER A 1429 20.64 -16.77 21.96
N LEU A 1430 19.43 -16.72 21.42
CA LEU A 1430 18.90 -15.46 20.88
C LEU A 1430 18.75 -14.44 22.00
N PRO A 1431 18.77 -13.15 21.66
CA PRO A 1431 18.73 -12.12 22.72
C PRO A 1431 17.57 -12.26 23.69
N GLY A 1432 16.34 -12.33 23.19
CA GLY A 1432 15.16 -12.27 24.03
C GLY A 1432 14.53 -13.60 24.35
N GLY A 1433 15.19 -14.72 24.08
CA GLY A 1433 14.60 -16.02 24.33
C GLY A 1433 13.37 -16.24 23.49
N LEU A 1434 12.36 -16.88 24.09
CA LEU A 1434 11.13 -17.17 23.37
C LEU A 1434 10.42 -15.89 22.92
N ASP A 1435 10.77 -14.75 23.48
CA ASP A 1435 10.20 -13.47 23.09
C ASP A 1435 11.01 -12.79 21.99
N ALA A 1436 11.98 -13.49 21.39
CA ALA A 1436 12.78 -12.90 20.32
C ALA A 1436 11.90 -12.52 19.14
N THR A 1437 12.22 -11.40 18.52
CA THR A 1437 11.40 -10.89 17.43
C THR A 1437 11.61 -11.72 16.15
N VAL A 1438 10.61 -11.66 15.27
CA VAL A 1438 10.65 -12.28 13.95
C VAL A 1438 10.11 -11.24 12.99
N THR A 1439 11.00 -10.57 12.25
CA THR A 1439 10.56 -9.55 11.31
C THR A 1439 9.65 -10.17 10.24
N GLU A 1440 8.92 -9.30 9.54
CA GLU A 1440 7.91 -9.76 8.61
C GLU A 1440 8.51 -10.71 7.58
N GLY A 1441 7.83 -11.84 7.38
CA GLY A 1441 8.30 -12.87 6.48
C GLY A 1441 9.38 -13.77 7.04
N GLY A 1442 9.74 -13.59 8.31
CA GLY A 1442 10.82 -14.38 8.88
C GLY A 1442 12.14 -14.16 8.19
N GLU A 1443 12.40 -12.93 7.73
CA GLU A 1443 13.60 -12.67 6.95
C GLU A 1443 14.86 -12.72 7.81
N ASN A 1444 14.74 -12.42 9.11
CA ASN A 1444 15.93 -12.40 9.95
C ASN A 1444 16.46 -13.80 10.27
N PHE A 1445 15.73 -14.86 9.90
CA PHE A 1445 16.16 -16.22 10.08
C PHE A 1445 16.41 -16.90 8.74
N SER A 1446 17.23 -17.94 8.77
CA SER A 1446 17.49 -18.72 7.57
C SER A 1446 16.20 -19.36 7.05
N VAL A 1447 16.24 -19.80 5.79
CA VAL A 1447 15.08 -20.50 5.24
C VAL A 1447 14.83 -21.79 6.00
N GLY A 1448 15.89 -22.57 6.24
CA GLY A 1448 15.74 -23.79 7.01
C GLY A 1448 15.18 -23.54 8.38
N GLN A 1449 15.64 -22.47 9.04
CA GLN A 1449 15.11 -22.14 10.36
C GLN A 1449 13.65 -21.68 10.27
N ARG A 1450 13.27 -20.99 9.19
CA ARG A 1450 11.86 -20.69 8.98
C ARG A 1450 11.04 -21.98 8.94
N GLN A 1451 11.53 -22.96 8.19
CA GLN A 1451 10.80 -24.22 8.08
C GLN A 1451 10.74 -24.94 9.43
N LEU A 1452 11.83 -24.91 10.20
CA LEU A 1452 11.82 -25.57 11.50
C LEU A 1452 10.85 -24.89 12.46
N PHE A 1453 10.74 -23.55 12.39
CA PHE A 1453 9.70 -22.86 13.16
C PHE A 1453 8.31 -23.31 12.71
N CYS A 1454 8.12 -23.46 11.39
CA CYS A 1454 6.83 -23.95 10.91
C CYS A 1454 6.54 -25.37 11.39
N LEU A 1455 7.59 -26.17 11.63
CA LEU A 1455 7.39 -27.51 12.17
C LEU A 1455 7.02 -27.46 13.65
N ALA A 1456 7.68 -26.59 14.43
CA ALA A 1456 7.30 -26.42 15.82
C ALA A 1456 5.85 -25.94 15.93
N ARG A 1457 5.43 -25.07 15.02
CA ARG A 1457 4.07 -24.57 15.01
C ARG A 1457 3.06 -25.71 14.87
N ALA A 1458 3.44 -26.79 14.21
CA ALA A 1458 2.57 -27.95 14.10
C ALA A 1458 2.69 -28.86 15.32
N PHE A 1459 3.91 -28.99 15.84
CA PHE A 1459 4.12 -29.90 16.97
C PHE A 1459 3.43 -29.40 18.23
N VAL A 1460 3.24 -28.08 18.37
CA VAL A 1460 2.58 -27.57 19.57
C VAL A 1460 1.12 -28.03 19.64
N ARG A 1461 0.41 -28.02 18.51
CA ARG A 1461 -1.02 -28.31 18.53
C ARG A 1461 -1.30 -29.69 19.11
N LYS A 1462 -0.45 -30.66 18.82
CA LYS A 1462 -0.49 -31.98 19.44
C LYS A 1462 -1.74 -32.78 19.06
N SER A 1463 -2.38 -32.47 17.94
CA SER A 1463 -3.53 -33.24 17.50
C SER A 1463 -3.09 -34.65 17.16
N SER A 1464 -4.06 -35.51 16.82
CA SER A 1464 -3.78 -36.94 16.66
C SER A 1464 -3.31 -37.33 15.27
N ILE A 1465 -3.54 -36.48 14.26
CA ILE A 1465 -3.13 -36.78 12.89
C ILE A 1465 -2.25 -35.64 12.40
N LEU A 1466 -1.10 -36.00 11.84
CA LEU A 1466 -0.09 -35.05 11.38
C LEU A 1466 0.20 -35.30 9.91
N ILE A 1467 -0.15 -34.34 9.06
CA ILE A 1467 0.13 -34.42 7.63
C ILE A 1467 1.35 -33.54 7.36
N MET A 1468 2.51 -34.15 7.13
CA MET A 1468 3.74 -33.42 6.87
C MET A 1468 3.99 -33.45 5.36
N ASP A 1469 3.74 -32.34 4.68
CA ASP A 1469 3.86 -32.27 3.23
C ASP A 1469 5.21 -31.65 2.87
N GLU A 1470 6.16 -32.49 2.50
CA GLU A 1470 7.50 -32.05 2.10
C GLU A 1470 8.02 -30.98 3.05
N ALA A 1471 8.04 -31.35 4.34
CA ALA A 1471 8.46 -30.43 5.38
C ALA A 1471 9.98 -30.25 5.41
N THR A 1472 10.74 -31.26 4.99
CA THR A 1472 12.19 -31.23 5.01
C THR A 1472 12.78 -30.87 3.65
N ALA A 1473 12.07 -30.07 2.86
CA ALA A 1473 12.60 -29.68 1.55
C ALA A 1473 13.84 -28.80 1.71
N SER A 1474 13.77 -27.80 2.59
CA SER A 1474 14.88 -26.90 2.80
C SER A 1474 15.83 -27.36 3.90
N ILE A 1475 15.41 -28.33 4.73
CA ILE A 1475 16.28 -28.82 5.79
C ILE A 1475 17.37 -29.69 5.19
N ASP A 1476 18.57 -29.60 5.74
CA ASP A 1476 19.68 -30.43 5.29
C ASP A 1476 19.52 -31.86 5.79
N MET A 1477 20.31 -32.76 5.20
CA MET A 1477 20.18 -34.18 5.53
C MET A 1477 20.56 -34.45 6.98
N ALA A 1478 21.64 -33.81 7.46
CA ALA A 1478 22.09 -34.05 8.83
C ALA A 1478 20.99 -33.72 9.83
N THR A 1479 20.41 -32.52 9.73
CA THR A 1479 19.31 -32.15 10.61
C THR A 1479 18.09 -33.03 10.35
N GLU A 1480 17.82 -33.34 9.08
CA GLU A 1480 16.60 -34.05 8.74
C GLU A 1480 16.56 -35.44 9.37
N ASN A 1481 17.69 -36.16 9.37
CA ASN A 1481 17.69 -37.51 9.93
C ASN A 1481 17.33 -37.49 11.42
N ILE A 1482 18.04 -36.67 12.19
CA ILE A 1482 17.78 -36.61 13.63
C ILE A 1482 16.37 -36.10 13.90
N LEU A 1483 15.92 -35.14 13.09
CA LEU A 1483 14.56 -34.61 13.26
C LEU A 1483 13.52 -35.70 13.05
N GLN A 1484 13.68 -36.52 12.01
CA GLN A 1484 12.73 -37.59 11.76
C GLN A 1484 12.77 -38.61 12.89
N LYS A 1485 13.96 -38.97 13.36
CA LYS A 1485 14.06 -39.90 14.48
C LYS A 1485 13.30 -39.37 15.70
N VAL A 1486 13.52 -38.10 16.04
CA VAL A 1486 12.88 -37.52 17.21
C VAL A 1486 11.36 -37.46 17.02
N VAL A 1487 10.90 -37.10 15.83
CA VAL A 1487 9.46 -36.98 15.59
C VAL A 1487 8.80 -38.35 15.67
N MET A 1488 9.49 -39.39 15.18
CA MET A 1488 8.93 -40.75 15.30
C MET A 1488 8.89 -41.20 16.75
N THR A 1489 9.93 -40.86 17.52
CA THR A 1489 9.94 -41.25 18.93
C THR A 1489 8.95 -40.44 19.77
N ALA A 1490 8.55 -39.26 19.32
CA ALA A 1490 7.65 -38.40 20.06
C ALA A 1490 6.18 -38.61 19.67
N PHE A 1491 5.92 -38.78 18.38
CA PHE A 1491 4.55 -38.99 17.88
C PHE A 1491 4.31 -40.45 17.54
N ALA A 1492 4.86 -41.38 18.33
CA ALA A 1492 4.70 -42.80 18.04
C ALA A 1492 3.24 -43.24 18.16
N ASP A 1493 2.45 -42.56 19.01
CA ASP A 1493 1.05 -42.93 19.15
C ASP A 1493 0.19 -42.34 18.03
N ARG A 1494 0.51 -41.13 17.59
CA ARG A 1494 -0.30 -40.45 16.60
C ARG A 1494 -0.14 -41.09 15.22
N THR A 1495 -1.01 -40.69 14.30
CA THR A 1495 -0.98 -41.12 12.91
C THR A 1495 -0.39 -40.00 12.06
N VAL A 1496 0.73 -40.25 11.40
CA VAL A 1496 1.41 -39.25 10.59
C VAL A 1496 1.45 -39.73 9.14
N VAL A 1497 1.02 -38.87 8.23
CA VAL A 1497 1.12 -39.08 6.80
C VAL A 1497 2.16 -38.10 6.28
N THR A 1498 3.27 -38.62 5.77
CA THR A 1498 4.40 -37.82 5.34
C THR A 1498 4.52 -37.89 3.83
N ILE A 1499 4.13 -36.81 3.15
CA ILE A 1499 4.44 -36.64 1.74
C ILE A 1499 5.93 -36.27 1.65
N ALA A 1500 6.75 -37.23 1.22
CA ALA A 1500 8.18 -37.17 1.42
C ALA A 1500 8.89 -36.52 0.24
N HIS A 1501 9.92 -35.71 0.55
CA HIS A 1501 10.77 -35.14 -0.48
C HIS A 1501 11.87 -36.11 -0.92
N ARG A 1502 12.27 -37.02 -0.04
CA ARG A 1502 13.24 -38.06 -0.35
C ARG A 1502 12.73 -39.39 0.15
N VAL A 1503 12.80 -40.42 -0.70
CA VAL A 1503 12.27 -41.72 -0.34
C VAL A 1503 13.05 -42.38 0.79
N HIS A 1504 14.30 -41.97 1.01
CA HIS A 1504 15.06 -42.54 2.13
C HIS A 1504 14.35 -42.34 3.46
N THR A 1505 13.59 -41.24 3.59
CA THR A 1505 12.92 -40.96 4.85
C THR A 1505 11.79 -41.97 5.11
N ILE A 1506 11.08 -42.37 4.08
CA ILE A 1506 9.90 -43.20 4.23
C ILE A 1506 10.24 -44.70 4.11
N LEU A 1507 11.52 -45.04 4.22
CA LEU A 1507 11.91 -46.44 4.18
C LEU A 1507 11.53 -47.15 5.47
N THR A 1508 11.63 -46.45 6.60
CA THR A 1508 11.19 -47.00 7.89
C THR A 1508 9.79 -46.49 8.22
N ALA A 1509 8.83 -46.85 7.37
CA ALA A 1509 7.43 -46.47 7.53
C ALA A 1509 6.56 -47.71 7.45
N ASP A 1510 5.48 -47.69 8.23
CA ASP A 1510 4.57 -48.85 8.26
C ASP A 1510 3.92 -49.08 6.91
N LEU A 1511 3.52 -48.00 6.22
CA LEU A 1511 2.85 -48.10 4.94
C LEU A 1511 3.44 -47.07 3.98
N VAL A 1512 3.48 -47.42 2.70
CA VAL A 1512 4.01 -46.55 1.66
C VAL A 1512 3.00 -46.46 0.52
N ILE A 1513 2.74 -45.25 0.06
CA ILE A 1513 1.88 -44.98 -1.09
C ILE A 1513 2.71 -44.24 -2.14
N VAL A 1514 2.53 -44.60 -3.40
CA VAL A 1514 3.21 -43.94 -4.52
C VAL A 1514 2.14 -43.45 -5.47
N MET A 1515 2.11 -42.15 -5.73
CA MET A 1515 1.13 -41.53 -6.59
C MET A 1515 1.71 -41.25 -7.97
N LYS A 1516 0.86 -41.31 -8.99
CA LYS A 1516 1.28 -41.02 -10.36
C LYS A 1516 0.07 -40.46 -11.11
N ARG A 1517 0.06 -39.14 -11.31
CA ARG A 1517 -1.04 -38.47 -12.01
C ARG A 1517 -2.38 -38.77 -11.33
N GLY A 1518 -2.40 -38.71 -10.00
CA GLY A 1518 -3.63 -38.87 -9.24
C GLY A 1518 -4.04 -40.29 -8.96
N ASN A 1519 -3.23 -41.28 -9.35
CA ASN A 1519 -3.56 -42.68 -9.15
C ASN A 1519 -2.53 -43.32 -8.22
N ILE A 1520 -3.02 -44.08 -7.25
CA ILE A 1520 -2.14 -44.84 -6.35
C ILE A 1520 -1.75 -46.12 -7.08
N LEU A 1521 -0.45 -46.27 -7.36
CA LEU A 1521 0.03 -47.43 -8.11
C LEU A 1521 0.28 -48.62 -7.19
N GLU A 1522 1.13 -48.43 -6.17
CA GLU A 1522 1.52 -49.48 -5.25
C GLU A 1522 1.13 -49.09 -3.84
N TYR A 1523 0.61 -50.07 -3.08
CA TYR A 1523 0.08 -49.86 -1.74
C TYR A 1523 0.53 -51.04 -0.89
N ASP A 1524 1.69 -50.88 -0.24
CA ASP A 1524 2.27 -51.96 0.55
C ASP A 1524 3.44 -51.38 1.36
N THR A 1525 4.11 -52.27 2.09
CA THR A 1525 5.25 -51.87 2.91
C THR A 1525 6.45 -51.53 2.02
N PRO A 1526 7.40 -50.74 2.54
CA PRO A 1526 8.58 -50.41 1.71
C PRO A 1526 9.38 -51.63 1.28
N GLU A 1527 9.44 -52.68 2.10
CA GLU A 1527 10.21 -53.85 1.72
C GLU A 1527 9.61 -54.52 0.48
N SER A 1528 8.28 -54.66 0.46
CA SER A 1528 7.63 -55.29 -0.69
C SER A 1528 7.87 -54.48 -1.96
N LEU A 1529 7.69 -53.16 -1.89
CA LEU A 1529 7.89 -52.32 -3.07
C LEU A 1529 9.35 -52.31 -3.52
N LEU A 1530 10.29 -52.39 -2.57
CA LEU A 1530 11.70 -52.51 -2.94
C LEU A 1530 11.99 -53.83 -3.65
N ALA A 1531 11.45 -54.93 -3.12
CA ALA A 1531 11.72 -56.24 -3.71
C ALA A 1531 10.98 -56.47 -5.03
N GLN A 1532 10.00 -55.64 -5.36
CA GLN A 1532 9.31 -55.78 -6.64
C GLN A 1532 10.26 -55.43 -7.79
N GLU A 1533 10.32 -56.30 -8.79
CA GLU A 1533 11.23 -56.11 -9.91
C GLU A 1533 10.71 -55.01 -10.82
N ASP A 1534 11.59 -54.08 -11.19
CA ASP A 1534 11.25 -52.95 -12.06
C ASP A 1534 10.17 -52.06 -11.44
N GLY A 1535 10.04 -52.09 -10.13
CA GLY A 1535 9.02 -51.28 -9.47
C GLY A 1535 9.35 -49.80 -9.49
N VAL A 1536 8.30 -48.99 -9.30
CA VAL A 1536 8.47 -47.55 -9.30
C VAL A 1536 9.21 -47.10 -8.05
N PHE A 1537 8.81 -47.63 -6.88
CA PHE A 1537 9.44 -47.23 -5.64
C PHE A 1537 10.91 -47.63 -5.61
N ALA A 1538 11.23 -48.83 -6.08
CA ALA A 1538 12.63 -49.26 -6.14
C ALA A 1538 13.44 -48.29 -7.00
N SER A 1539 12.86 -47.84 -8.12
CA SER A 1539 13.55 -46.87 -8.97
C SER A 1539 13.75 -45.54 -8.25
N PHE A 1540 12.74 -45.11 -7.49
CA PHE A 1540 12.89 -43.87 -6.72
C PHE A 1540 14.09 -43.96 -5.78
N VAL A 1541 14.25 -45.10 -5.10
CA VAL A 1541 15.31 -45.22 -4.09
C VAL A 1541 16.69 -45.11 -4.72
N ARG A 1542 16.89 -45.76 -5.88
CA ARG A 1542 18.20 -45.70 -6.52
C ARG A 1542 18.58 -44.26 -6.84
N ALA A 1543 17.66 -43.51 -7.46
CA ALA A 1543 17.97 -42.13 -7.84
C ALA A 1543 18.25 -41.27 -6.62
N ASP A 1544 17.44 -41.40 -5.57
CA ASP A 1544 17.63 -40.57 -4.38
C ASP A 1544 18.95 -40.90 -3.69
N MET A 1545 19.32 -42.17 -3.63
CA MET A 1545 20.57 -42.56 -2.99
C MET A 1545 21.76 -42.09 -3.81
#